data_7N1F
#
_entry.id   7N1F
#
_cell.length_a   225.329
_cell.length_b   49.067
_cell.length_c   91.451
_cell.angle_alpha   90.000
_cell.angle_beta   91.810
_cell.angle_gamma   90.000
#
_symmetry.space_group_name_H-M   'C 1 2 1'
#
loop_
_entity.id
_entity.type
_entity.pdbx_description
1 polymer 'pYLQ7 T cell receptor alpha chain'
2 polymer 'pYLQ7 T cell receptor beta chain'
3 polymer 'MHC class I antigen, A-2 alpha chain'
4 polymer Beta-2-microglobulin
5 polymer 'Spike protein S1'
6 water water
#
loop_
_entity_poly.entity_id
_entity_poly.type
_entity_poly.pdbx_seq_one_letter_code
_entity_poly.pdbx_strand_id
1 'polypeptide(L)'
;MQKEVEQNSGPLSVPEGAIASLNCTYSDRGSQSFFWYRQYSGKSPELIMFIYSNGDKEDGRFTAQLNKASQYVSLLIRDS
QPSDSATYLCAVNRDDKIIFGKGTRLHILPNIQNPDPAVYQLRDSKSSDKSVCLFTDFDSQTNVSQSKDSDVYITDKCVL
DMRSMDFKSNSAVAWSNKSDFACANAFNNSIIPEDTFFPSPESS
;
D
2 'polypeptide(L)'
;MDTGVSQNPRHKITKRGQNVTFRCDPISEHNRLYWYRQTLGQGPEFLTYFQNEAQLEKSRLLSDRFSAERPKGSFSTLEI
QRTEQGDSAMYLCASSPDIEQYFGPGTRLTVTEDLKNVFPPEVAVFEPSEAEISHTQKATLVCLATGFYPDHVELSWWVN
GKEVHSGVCTDPQPLKEQPALNDSRYALSSRLRVSATFWQNPRNHFRCQVQFYGLSENDEWTQDRAKPVTQIVSAEAWGR
AD
;
E
3 'polypeptide(L)'
;GSHSMRYFFTSVSRPGRGEPRFIAVGYVDDTQFVRFDSDAASQRMEPRAPWIEQEGPEYWDGETRKVKAHSQTHRVDLGT
LRGYYNQSEAGSHTVQRMYGCDVGSDWRFLRGYHQYAYDGKDYIALKEDLRSWTAADMAAQTTKHKWEAAHVAEQLRAYL
EGTCVEWLRRYLENGKETLQRTDAPKTHMTHHAVSDHEATLRCWALSFYPAEITLTWQRDGEDQTQDTELVETRPAGDGT
FQKWAAVVVPSGQEQRYTCHVQHEGLPKPLTLRWE
;
A
4 'polypeptide(L)'
;MIQRTPKIQVYSRHPAENGKSNFLNCYVSGFHPSDIEVDLLKNGERIEKVEHSDLSFSKDWSFYLLYYTEFTPTEKDEYA
CRVNHVTLSQPKIVKWDRDM
;
B
5 'polypeptide(L)' YLQPRTFLL C
#
# COMPACT_ATOMS: atom_id res chain seq x y z
N LYS A 3 17.76 1.26 0.94
CA LYS A 3 16.50 1.92 0.60
C LYS A 3 15.43 0.91 0.21
N GLU A 4 14.18 1.21 0.56
CA GLU A 4 13.08 0.30 0.26
C GLU A 4 12.74 0.31 -1.23
N VAL A 5 12.99 1.42 -1.92
CA VAL A 5 12.66 1.57 -3.33
C VAL A 5 13.79 2.37 -3.96
N GLU A 6 14.38 1.83 -5.03
CA GLU A 6 15.58 2.37 -5.62
C GLU A 6 15.32 2.66 -7.09
N GLN A 7 15.66 3.86 -7.53
CA GLN A 7 15.43 4.26 -8.92
C GLN A 7 16.74 4.55 -9.61
N ASN A 8 16.70 4.50 -10.92
CA ASN A 8 17.91 4.78 -11.71
C ASN A 8 18.37 6.20 -11.42
N SER A 9 19.66 6.36 -11.20
CA SER A 9 20.15 7.69 -10.78
C SER A 9 20.37 8.59 -11.98
N GLY A 10 20.56 9.88 -11.68
CA GLY A 10 21.00 10.91 -12.62
C GLY A 10 19.92 11.48 -13.49
N PRO A 11 19.93 12.77 -13.77
CA PRO A 11 18.96 13.33 -14.65
C PRO A 11 19.11 12.66 -16.03
N LEU A 12 18.01 12.19 -16.57
CA LEU A 12 17.95 11.55 -17.89
C LEU A 12 17.61 12.62 -18.91
N SER A 13 18.34 12.67 -20.00
CA SER A 13 18.11 13.61 -21.09
C SER A 13 17.96 12.82 -22.39
N VAL A 14 16.82 12.99 -23.05
CA VAL A 14 16.40 12.15 -24.18
C VAL A 14 15.82 13.07 -25.24
N PRO A 15 16.17 12.90 -26.51
CA PRO A 15 15.75 13.85 -27.52
C PRO A 15 14.27 13.69 -27.81
N GLU A 16 13.63 14.83 -28.11
CA GLU A 16 12.26 14.85 -28.61
C GLU A 16 12.06 13.77 -29.65
N GLY A 17 11.15 12.85 -29.38
CA GLY A 17 10.84 11.79 -30.31
C GLY A 17 11.55 10.48 -30.04
N ALA A 18 12.51 10.46 -29.11
CA ALA A 18 13.14 9.19 -28.79
C ALA A 18 12.40 8.45 -27.66
N ILE A 19 12.91 7.26 -27.34
CA ILE A 19 12.38 6.40 -26.31
C ILE A 19 13.14 6.69 -25.02
N ALA A 20 12.41 7.11 -23.97
CA ALA A 20 12.97 7.23 -22.63
C ALA A 20 12.63 5.96 -21.84
N SER A 21 13.48 5.63 -20.88
CA SER A 21 13.32 4.34 -20.21
C SER A 21 13.75 4.47 -18.76
N LEU A 22 12.85 4.09 -17.84
CA LEU A 22 13.07 4.21 -16.41
C LEU A 22 12.84 2.87 -15.75
N ASN A 23 13.64 2.55 -14.73
CA ASN A 23 13.45 1.30 -14.03
C ASN A 23 13.60 1.51 -12.54
N CYS A 24 13.35 0.46 -11.78
CA CYS A 24 13.17 0.59 -10.35
C CYS A 24 13.20 -0.81 -9.74
N THR A 25 13.78 -0.93 -8.56
CA THR A 25 13.70 -2.14 -7.78
C THR A 25 13.16 -1.84 -6.40
N TYR A 26 12.56 -2.84 -5.78
CA TYR A 26 11.96 -2.71 -4.48
C TYR A 26 12.45 -3.85 -3.60
N SER A 27 12.53 -3.57 -2.30
CA SER A 27 13.21 -4.43 -1.35
C SER A 27 12.38 -5.62 -0.89
N ASP A 28 11.06 -5.47 -0.75
CA ASP A 28 10.24 -6.50 -0.11
C ASP A 28 9.45 -7.29 -1.15
N ARG A 29 9.76 -8.59 -1.23
CA ARG A 29 9.14 -9.49 -2.19
C ARG A 29 7.63 -9.63 -2.03
N GLY A 30 7.07 -9.28 -0.87
CA GLY A 30 5.63 -9.44 -0.68
C GLY A 30 4.76 -8.29 -1.15
N SER A 31 5.37 -7.27 -1.75
CA SER A 31 4.63 -6.16 -2.33
C SER A 31 3.72 -6.62 -3.44
N GLN A 32 2.60 -5.92 -3.59
CA GLN A 32 1.57 -6.33 -4.54
C GLN A 32 1.10 -5.20 -5.42
N SER A 33 1.32 -3.95 -5.04
CA SER A 33 0.79 -2.79 -5.74
C SER A 33 1.94 -1.89 -6.15
N PHE A 34 1.95 -1.48 -7.41
CA PHE A 34 3.11 -0.83 -8.02
C PHE A 34 2.61 0.25 -8.94
N PHE A 35 3.16 1.45 -8.78
CA PHE A 35 2.67 2.61 -9.49
C PHE A 35 3.84 3.37 -10.07
N TRP A 36 3.56 4.10 -11.15
CA TRP A 36 4.45 5.14 -11.66
C TRP A 36 3.73 6.47 -11.48
N TYR A 37 4.37 7.40 -10.79
CA TYR A 37 3.83 8.73 -10.65
C TYR A 37 4.73 9.72 -11.38
N ARG A 38 4.11 10.79 -11.87
CA ARG A 38 4.76 11.89 -12.55
C ARG A 38 4.59 13.13 -11.72
N GLN A 39 5.66 13.91 -11.55
CA GLN A 39 5.59 15.13 -10.77
C GLN A 39 6.32 16.23 -11.53
N TYR A 40 5.55 17.20 -12.04
CA TYR A 40 6.11 18.43 -12.58
C TYR A 40 6.76 19.25 -11.48
N SER A 41 7.67 20.12 -11.91
CA SER A 41 8.67 20.74 -11.03
C SER A 41 8.04 21.44 -9.83
N GLY A 42 6.95 22.15 -10.03
CA GLY A 42 6.34 22.82 -8.88
C GLY A 42 5.02 22.23 -8.42
N LYS A 43 4.80 20.95 -8.73
CA LYS A 43 3.47 20.37 -8.49
C LYS A 43 3.53 19.12 -7.62
N SER A 44 2.39 18.42 -7.53
CA SER A 44 2.16 17.24 -6.71
C SER A 44 2.27 15.98 -7.54
N PRO A 45 2.60 14.84 -6.93
CA PRO A 45 2.60 13.58 -7.68
C PRO A 45 1.23 13.31 -8.29
N GLU A 46 1.24 12.95 -9.58
CA GLU A 46 0.05 12.52 -10.31
C GLU A 46 0.30 11.13 -10.87
N LEU A 47 -0.63 10.20 -10.62
CA LEU A 47 -0.51 8.84 -11.11
C LEU A 47 -0.57 8.81 -12.64
N ILE A 48 0.25 7.95 -13.26
CA ILE A 48 0.16 7.74 -14.70
C ILE A 48 -0.21 6.30 -15.02
N MET A 49 0.30 5.34 -14.29
CA MET A 49 -0.28 4.01 -14.38
C MET A 49 0.09 3.16 -13.18
N PHE A 50 -0.66 2.10 -13.01
CA PHE A 50 -0.37 1.07 -12.03
C PHE A 50 -0.17 -0.22 -12.79
N ILE A 51 0.52 -1.15 -12.16
CA ILE A 51 0.62 -2.50 -12.72
C ILE A 51 0.65 -3.47 -11.56
N TYR A 52 -0.08 -4.57 -11.68
CA TYR A 52 -0.22 -5.51 -10.58
C TYR A 52 0.17 -6.94 -10.90
N SER A 53 0.24 -7.33 -12.17
CA SER A 53 0.64 -8.66 -12.57
C SER A 53 1.97 -8.61 -13.33
N ASN A 54 2.65 -9.75 -13.33
CA ASN A 54 3.86 -9.91 -14.12
C ASN A 54 3.59 -9.59 -15.59
N GLY A 55 4.62 -9.08 -16.25
CA GLY A 55 4.53 -8.83 -17.68
C GLY A 55 4.50 -7.36 -18.02
N ASP A 56 3.83 -7.04 -19.14
CA ASP A 56 3.82 -5.71 -19.71
C ASP A 56 2.41 -5.14 -19.65
N LYS A 57 2.32 -3.86 -19.34
CA LYS A 57 1.08 -3.12 -19.46
C LYS A 57 1.33 -1.99 -20.45
N GLU A 58 0.56 -1.97 -21.52
CA GLU A 58 0.67 -0.92 -22.50
C GLU A 58 -0.48 0.05 -22.31
N ASP A 59 -0.19 1.33 -22.51
CA ASP A 59 -1.21 2.37 -22.39
C ASP A 59 -0.71 3.59 -23.16
N GLY A 60 -1.21 3.76 -24.38
CA GLY A 60 -0.73 4.84 -25.23
C GLY A 60 0.75 4.70 -25.51
N ARG A 61 1.49 5.77 -25.22
CA ARG A 61 2.93 5.80 -25.44
C ARG A 61 3.70 5.18 -24.29
N PHE A 62 3.01 4.70 -23.26
CA PHE A 62 3.60 4.21 -22.03
C PHE A 62 3.51 2.70 -21.99
N THR A 63 4.63 2.05 -21.64
CA THR A 63 4.68 0.63 -21.39
C THR A 63 5.27 0.47 -20.00
N ALA A 64 4.56 -0.20 -19.12
CA ALA A 64 5.15 -0.59 -17.85
C ALA A 64 5.49 -2.07 -17.90
N GLN A 65 6.57 -2.44 -17.22
CA GLN A 65 6.90 -3.84 -17.02
C GLN A 65 7.03 -4.13 -15.52
N LEU A 66 6.54 -5.29 -15.10
CA LEU A 66 6.70 -5.71 -13.71
C LEU A 66 7.29 -7.12 -13.70
N ASN A 67 8.34 -7.33 -12.92
CA ASN A 67 8.87 -8.67 -12.71
C ASN A 67 8.95 -8.94 -11.21
N LYS A 68 8.03 -9.76 -10.68
CA LYS A 68 7.97 -9.99 -9.23
C LYS A 68 9.12 -10.88 -8.75
N ALA A 69 9.44 -11.94 -9.50
CA ALA A 69 10.56 -12.80 -9.14
C ALA A 69 11.84 -12.00 -8.94
N SER A 70 12.09 -10.99 -9.79
CA SER A 70 13.29 -10.20 -9.63
C SER A 70 13.04 -8.83 -9.01
N GLN A 71 11.79 -8.49 -8.72
CA GLN A 71 11.46 -7.30 -7.94
C GLN A 71 11.84 -6.04 -8.69
N TYR A 72 11.30 -5.93 -9.91
CA TYR A 72 11.77 -4.99 -10.91
C TYR A 72 10.57 -4.35 -11.57
N VAL A 73 10.56 -3.02 -11.62
CA VAL A 73 9.50 -2.27 -12.27
C VAL A 73 10.14 -1.35 -13.30
N SER A 74 9.54 -1.28 -14.49
CA SER A 74 10.06 -0.39 -15.52
C SER A 74 8.91 0.38 -16.15
N LEU A 75 9.29 1.47 -16.81
CA LEU A 75 8.39 2.31 -17.59
C LEU A 75 9.14 2.78 -18.83
N LEU A 76 8.52 2.60 -19.98
CA LEU A 76 9.06 3.00 -21.27
C LEU A 76 8.14 4.06 -21.85
N ILE A 77 8.70 5.21 -22.22
CA ILE A 77 7.96 6.25 -22.94
C ILE A 77 8.48 6.32 -24.37
N ARG A 78 7.66 5.96 -25.35
CA ARG A 78 8.06 6.17 -26.73
C ARG A 78 7.53 7.50 -27.23
N ASP A 79 8.26 8.07 -28.19
CA ASP A 79 7.87 9.31 -28.88
C ASP A 79 7.73 10.47 -27.89
N SER A 80 8.81 10.70 -27.14
CA SER A 80 8.78 11.64 -26.03
C SER A 80 8.44 13.05 -26.48
N GLN A 81 7.40 13.61 -25.85
CA GLN A 81 6.96 15.00 -25.95
C GLN A 81 7.71 15.84 -24.93
N PRO A 82 7.76 17.16 -25.11
CA PRO A 82 8.34 18.01 -24.05
C PRO A 82 7.52 17.98 -22.77
N SER A 83 6.22 17.66 -22.86
CA SER A 83 5.44 17.55 -21.65
C SER A 83 5.78 16.30 -20.86
N ASP A 84 6.67 15.43 -21.36
CA ASP A 84 7.13 14.30 -20.57
C ASP A 84 8.28 14.67 -19.62
N SER A 85 8.86 15.86 -19.76
CA SER A 85 9.87 16.34 -18.82
C SER A 85 9.27 16.51 -17.42
N ALA A 86 9.69 15.66 -16.50
CA ALA A 86 9.16 15.68 -15.13
C ALA A 86 10.02 14.75 -14.31
N THR A 87 9.74 14.68 -13.02
CA THR A 87 10.33 13.67 -12.17
C THR A 87 9.41 12.46 -12.16
N TYR A 88 9.98 11.28 -12.37
CA TYR A 88 9.23 10.05 -12.42
C TYR A 88 9.48 9.30 -11.12
N LEU A 89 8.40 8.97 -10.42
CA LEU A 89 8.44 8.40 -9.09
C LEU A 89 7.96 6.96 -9.17
N CYS A 90 8.80 6.04 -8.75
CA CYS A 90 8.37 4.67 -8.60
C CYS A 90 7.78 4.49 -7.20
N ALA A 91 6.63 3.82 -7.12
CA ALA A 91 5.90 3.73 -5.86
C ALA A 91 5.48 2.30 -5.64
N VAL A 92 5.73 1.80 -4.44
CA VAL A 92 5.48 0.40 -4.09
C VAL A 92 4.79 0.37 -2.73
N ASN A 93 3.83 -0.54 -2.56
CA ASN A 93 3.14 -0.65 -1.27
C ASN A 93 4.01 -1.36 -0.24
N ARG A 94 4.01 -0.81 0.97
CA ARG A 94 4.45 -1.50 2.17
C ARG A 94 3.21 -1.59 3.05
N ASP A 95 2.59 -2.76 3.07
CA ASP A 95 1.31 -2.97 3.76
C ASP A 95 0.30 -2.09 3.03
N ASP A 96 -0.53 -1.31 3.71
CA ASP A 96 -1.55 -0.50 3.05
C ASP A 96 -1.12 0.96 2.86
N LYS A 97 0.18 1.22 2.72
CA LYS A 97 0.64 2.55 2.36
C LYS A 97 1.64 2.46 1.23
N ILE A 98 1.80 3.57 0.51
CA ILE A 98 2.67 3.65 -0.65
C ILE A 98 4.02 4.20 -0.20
N ILE A 99 5.09 3.51 -0.57
CA ILE A 99 6.44 4.01 -0.35
C ILE A 99 7.02 4.43 -1.71
N PHE A 100 7.54 5.65 -1.78
CA PHE A 100 8.07 6.21 -3.02
C PHE A 100 9.59 6.11 -3.07
N GLY A 101 10.11 5.92 -4.29
CA GLY A 101 11.53 6.09 -4.50
C GLY A 101 11.90 7.55 -4.58
N LYS A 102 13.20 7.81 -4.67
CA LYS A 102 13.66 9.19 -4.70
C LYS A 102 13.29 9.91 -5.99
N GLY A 103 12.93 9.19 -7.04
CA GLY A 103 12.53 9.81 -8.30
C GLY A 103 13.68 9.94 -9.28
N THR A 104 13.35 9.87 -10.56
CA THR A 104 14.31 10.13 -11.64
C THR A 104 13.82 11.31 -12.48
N ARG A 105 14.67 12.34 -12.61
CA ARG A 105 14.29 13.47 -13.45
C ARG A 105 14.52 13.14 -14.92
N LEU A 106 13.53 13.44 -15.75
CA LEU A 106 13.60 13.26 -17.19
C LEU A 106 13.54 14.63 -17.86
N HIS A 107 14.51 14.90 -18.74
CA HIS A 107 14.58 16.13 -19.54
C HIS A 107 14.45 15.77 -21.01
N ILE A 108 13.41 16.27 -21.68
CA ILE A 108 13.27 16.06 -23.11
C ILE A 108 13.87 17.26 -23.84
N LEU A 109 14.92 17.00 -24.66
CA LEU A 109 15.74 18.00 -25.35
C LEU A 109 15.12 18.37 -26.68
N PRO A 110 15.03 19.65 -27.01
CA PRO A 110 14.63 20.04 -28.36
C PRO A 110 15.73 19.70 -29.34
N ASN A 111 15.32 19.21 -30.51
CA ASN A 111 16.28 18.87 -31.56
C ASN A 111 16.62 20.14 -32.33
N ILE A 112 17.70 20.81 -31.89
CA ILE A 112 18.14 22.08 -32.46
C ILE A 112 18.79 21.82 -33.82
N GLN A 113 18.11 22.18 -34.90
CA GLN A 113 18.56 21.69 -36.20
C GLN A 113 19.50 22.65 -36.94
N ASN A 114 19.69 23.89 -36.47
CA ASN A 114 20.65 24.80 -37.10
C ASN A 114 21.33 25.65 -36.05
N PRO A 115 22.13 25.05 -35.18
CA PRO A 115 22.79 25.82 -34.12
C PRO A 115 23.51 27.06 -34.64
N ASP A 116 23.47 28.12 -33.85
CA ASP A 116 24.16 29.36 -34.17
C ASP A 116 24.57 30.03 -32.86
N PRO A 117 25.44 29.41 -32.09
CA PRO A 117 25.75 29.90 -30.74
C PRO A 117 26.32 31.32 -30.77
N ALA A 118 25.64 32.22 -30.08
CA ALA A 118 26.07 33.61 -29.98
C ALA A 118 25.90 34.09 -28.56
N VAL A 119 26.65 35.14 -28.21
CA VAL A 119 26.60 35.76 -26.91
C VAL A 119 26.25 37.23 -27.12
N TYR A 120 25.04 37.60 -26.72
CA TYR A 120 24.50 38.93 -26.93
C TYR A 120 24.49 39.72 -25.63
N GLN A 121 24.76 41.02 -25.73
CA GLN A 121 24.66 41.92 -24.60
C GLN A 121 23.32 42.65 -24.65
N LEU A 122 22.54 42.52 -23.59
CA LEU A 122 21.26 43.21 -23.44
C LEU A 122 21.42 44.27 -22.35
N ARG A 123 20.87 45.47 -22.57
CA ARG A 123 20.87 46.45 -21.50
C ARG A 123 19.44 46.70 -21.02
N ASP A 124 19.36 47.10 -19.75
CA ASP A 124 18.08 47.27 -19.06
C ASP A 124 17.18 48.25 -19.81
N SER A 125 15.86 48.08 -19.61
CA SER A 125 14.86 49.01 -20.16
C SER A 125 14.71 50.24 -19.27
N LYS A 126 14.76 50.05 -17.95
CA LYS A 126 14.84 51.16 -17.00
C LYS A 126 16.26 51.74 -16.94
N SER A 127 17.26 50.87 -16.87
CA SER A 127 18.70 51.20 -16.89
C SER A 127 19.15 51.84 -15.57
N ASP A 129 21.12 49.23 -12.65
CA ASP A 129 21.78 48.20 -11.86
C ASP A 129 22.83 47.44 -12.69
N LYS A 130 22.41 46.30 -13.23
CA LYS A 130 23.28 45.37 -13.94
C LYS A 130 23.15 45.56 -15.46
N SER A 131 23.64 44.59 -16.21
CA SER A 131 23.15 44.25 -17.54
C SER A 131 23.53 42.79 -17.77
N VAL A 132 22.84 42.16 -18.73
CA VAL A 132 22.91 40.72 -18.86
C VAL A 132 23.51 40.31 -20.19
N CYS A 133 24.24 39.19 -20.16
CA CYS A 133 24.76 38.53 -21.34
C CYS A 133 23.89 37.32 -21.65
N LEU A 134 23.45 37.18 -22.89
CA LEU A 134 22.58 36.09 -23.29
C LEU A 134 23.35 35.18 -24.24
N PHE A 135 23.47 33.92 -23.85
CA PHE A 135 24.13 32.91 -24.66
C PHE A 135 23.03 31.98 -25.15
N THR A 136 22.79 31.98 -26.47
CA THR A 136 21.61 31.35 -27.03
C THR A 136 21.98 30.61 -28.31
N ASP A 137 21.01 29.83 -28.80
CA ASP A 137 21.08 29.17 -30.08
C ASP A 137 22.18 28.10 -30.12
N PHE A 138 22.50 27.53 -28.98
CA PHE A 138 23.48 26.42 -29.01
C PHE A 138 22.70 25.12 -29.16
N ASP A 139 23.40 24.06 -29.55
CA ASP A 139 22.78 22.74 -29.76
C ASP A 139 22.56 22.07 -28.40
N SER A 140 21.82 20.97 -28.39
CA SER A 140 21.49 20.26 -27.14
C SER A 140 22.65 19.51 -26.47
N GLN A 141 23.88 19.54 -27.00
CA GLN A 141 25.03 18.90 -26.37
C GLN A 141 26.03 19.97 -25.92
N THR A 142 25.55 21.17 -25.66
CA THR A 142 26.36 22.13 -24.92
C THR A 142 25.77 22.24 -23.52
N ASN A 143 26.63 22.24 -22.51
CA ASN A 143 26.18 22.53 -21.16
C ASN A 143 26.98 23.70 -20.63
N VAL A 144 26.34 24.48 -19.75
CA VAL A 144 26.91 25.72 -19.24
C VAL A 144 27.23 25.49 -17.76
N SER A 145 28.43 25.93 -17.37
CA SER A 145 28.91 25.82 -16.00
C SER A 145 29.00 27.21 -15.38
N GLN A 146 29.00 27.25 -14.05
CA GLN A 146 28.90 28.52 -13.35
C GLN A 146 30.25 29.21 -13.26
N SER A 147 30.20 30.47 -12.85
CA SER A 147 31.40 31.27 -12.69
C SER A 147 32.27 30.72 -11.57
N LYS A 148 33.58 30.91 -11.72
CA LYS A 148 34.43 31.00 -10.54
C LYS A 148 34.42 32.40 -9.96
N ASP A 149 33.94 33.38 -10.71
CA ASP A 149 33.49 34.64 -10.13
C ASP A 149 32.39 34.36 -9.12
N SER A 150 32.59 34.82 -7.89
CA SER A 150 31.46 34.82 -6.97
C SER A 150 30.55 36.03 -7.18
N ASP A 151 30.95 36.98 -8.03
CA ASP A 151 30.22 38.23 -8.23
C ASP A 151 29.47 38.30 -9.54
N VAL A 152 29.45 37.21 -10.31
CA VAL A 152 28.71 37.14 -11.57
C VAL A 152 27.94 35.83 -11.56
N TYR A 153 26.67 35.87 -11.95
CA TYR A 153 25.76 34.74 -11.80
C TYR A 153 25.41 34.19 -13.18
N ILE A 154 25.17 32.88 -13.24
CA ILE A 154 24.93 32.20 -14.51
C ILE A 154 23.80 31.20 -14.31
N THR A 155 22.73 31.33 -15.07
CA THR A 155 21.69 30.31 -15.07
C THR A 155 22.11 29.11 -15.91
N ASP A 156 21.46 27.99 -15.67
CA ASP A 156 21.72 26.81 -16.49
C ASP A 156 20.83 26.83 -17.73
N LYS A 157 21.34 26.21 -18.80
CA LYS A 157 20.62 25.81 -20.00
C LYS A 157 19.11 26.01 -19.82
N CYS A 158 18.69 27.26 -19.93
CA CYS A 158 17.31 27.70 -19.99
C CYS A 158 16.32 26.60 -20.34
N VAL A 159 15.59 26.12 -19.34
CA VAL A 159 14.50 25.19 -19.59
C VAL A 159 13.37 25.94 -20.29
N LEU A 160 12.79 25.31 -21.32
CA LEU A 160 11.78 25.92 -22.17
C LEU A 160 10.36 25.57 -21.70
N ASP A 161 9.47 26.54 -21.84
CA ASP A 161 8.05 26.38 -21.51
C ASP A 161 7.55 25.21 -22.33
N MET A 162 6.80 24.27 -21.76
CA MET A 162 6.33 23.08 -22.51
C MET A 162 5.25 23.36 -23.57
N ARG A 163 4.73 24.58 -23.70
CA ARG A 163 3.72 24.87 -24.75
C ARG A 163 4.29 25.80 -25.83
N SER A 164 5.61 25.93 -25.97
CA SER A 164 6.25 26.78 -27.02
C SER A 164 6.08 26.11 -28.38
N MET A 165 6.07 26.93 -29.46
CA MET A 165 5.78 26.51 -30.87
C MET A 165 6.61 27.23 -31.97
N ASP A 166 6.43 26.71 -33.20
CA ASP A 166 6.97 27.04 -34.56
C ASP A 166 8.45 26.65 -34.74
N PHE A 167 9.30 27.08 -33.79
CA PHE A 167 10.77 26.89 -33.76
C PHE A 167 11.22 27.12 -32.32
N LYS A 168 12.18 26.35 -31.78
CA LYS A 168 12.61 26.56 -30.35
C LYS A 168 14.13 26.69 -30.26
N SER A 169 14.66 27.00 -29.08
CA SER A 169 16.09 27.26 -28.91
C SER A 169 16.43 27.22 -27.43
N ASN A 170 17.73 27.09 -27.15
CA ASN A 170 18.28 27.03 -25.80
C ASN A 170 18.96 28.34 -25.46
N SER A 171 19.06 28.65 -24.17
CA SER A 171 19.70 29.89 -23.74
C SER A 171 20.29 29.75 -22.34
N ALA A 172 21.07 30.76 -21.95
CA ALA A 172 21.57 30.95 -20.59
C ALA A 172 21.93 32.42 -20.44
N VAL A 173 21.69 33.00 -19.25
CA VAL A 173 22.12 34.40 -19.03
C VAL A 173 23.16 34.45 -17.94
N ALA A 174 23.92 35.53 -17.97
CA ALA A 174 24.91 35.85 -16.96
C ALA A 174 24.85 37.34 -16.70
N TRP A 175 25.12 37.73 -15.45
CA TRP A 175 25.06 39.14 -15.09
C TRP A 175 25.97 39.44 -13.91
N SER A 176 26.46 40.67 -13.86
CA SER A 176 27.22 41.18 -12.74
C SER A 176 26.88 42.65 -12.57
N ASN A 177 27.66 43.35 -11.74
CA ASN A 177 27.41 44.76 -11.49
C ASN A 177 28.56 45.71 -11.76
N LYS A 178 29.79 45.21 -11.89
CA LYS A 178 30.95 46.09 -11.89
C LYS A 178 31.48 46.29 -13.30
N SER A 179 32.18 47.43 -13.47
CA SER A 179 32.54 47.91 -14.80
C SER A 179 33.47 46.95 -15.53
N ASP A 180 34.40 46.32 -14.79
CA ASP A 180 35.32 45.33 -15.39
C ASP A 180 34.59 43.99 -15.52
N PHE A 181 33.59 43.97 -16.39
CA PHE A 181 32.82 42.77 -16.69
C PHE A 181 32.27 42.92 -18.10
N ALA A 182 32.60 41.99 -18.99
CA ALA A 182 32.10 42.00 -20.37
C ALA A 182 31.58 40.61 -20.72
N CYS A 183 30.90 40.54 -21.85
CA CYS A 183 30.34 39.28 -22.32
C CYS A 183 31.39 38.39 -22.97
N ALA A 184 32.45 39.00 -23.53
CA ALA A 184 33.54 38.24 -24.15
C ALA A 184 34.08 37.18 -23.20
N ASN A 185 34.20 37.51 -21.92
CA ASN A 185 34.74 36.61 -20.92
C ASN A 185 33.69 36.19 -19.91
N ALA A 186 32.41 36.29 -20.25
CA ALA A 186 31.38 35.88 -19.31
C ALA A 186 31.46 34.38 -19.04
N PHE A 187 31.42 33.59 -20.11
CA PHE A 187 31.32 32.13 -19.99
C PHE A 187 32.67 31.44 -20.16
N ASN A 188 33.78 32.15 -19.94
CA ASN A 188 35.11 31.59 -20.20
C ASN A 188 35.43 30.39 -19.31
N ASN A 189 34.59 30.07 -18.31
CA ASN A 189 34.70 28.86 -17.52
C ASN A 189 33.77 27.76 -18.03
N SER A 190 32.97 28.06 -19.05
CA SER A 190 32.26 27.02 -19.76
C SER A 190 32.95 26.79 -21.10
N ILE A 191 32.70 25.63 -21.70
CA ILE A 191 33.28 25.29 -22.99
C ILE A 191 32.20 25.45 -24.05
N ILE A 192 32.51 26.27 -25.05
CA ILE A 192 31.54 26.77 -26.01
C ILE A 192 32.09 26.58 -27.41
N PRO A 193 31.25 26.35 -28.42
CA PRO A 193 31.75 26.12 -29.79
C PRO A 193 32.75 27.18 -30.24
N GLU A 194 33.68 26.76 -31.12
CA GLU A 194 34.67 27.68 -31.67
C GLU A 194 34.01 28.76 -32.52
N ASP A 195 32.93 28.42 -33.21
CA ASP A 195 32.18 29.33 -34.07
C ASP A 195 31.29 30.33 -33.31
N THR A 196 31.44 30.49 -31.99
CA THR A 196 30.49 31.30 -31.23
C THR A 196 30.61 32.77 -31.60
N PHE A 197 29.49 33.37 -32.01
CA PHE A 197 29.41 34.76 -32.47
C PHE A 197 29.52 35.72 -31.29
N PHE A 198 30.50 36.64 -31.37
CA PHE A 198 30.70 37.70 -30.38
C PHE A 198 30.68 39.04 -31.10
N PRO A 199 29.50 39.61 -31.36
CA PRO A 199 29.43 40.80 -32.20
C PRO A 199 30.20 41.98 -31.61
N SER A 200 30.85 42.74 -32.48
CA SER A 200 31.63 43.91 -32.07
C SER A 200 30.82 45.20 -32.28
N THR B 3 -13.62 18.86 -6.29
CA THR B 3 -13.17 17.67 -7.01
C THR B 3 -11.64 17.54 -6.93
N GLY B 4 -11.20 16.59 -6.10
CA GLY B 4 -9.81 16.39 -5.76
C GLY B 4 -9.58 16.49 -4.27
N VAL B 5 -8.34 16.26 -3.89
CA VAL B 5 -7.85 16.55 -2.55
C VAL B 5 -7.47 18.03 -2.47
N SER B 6 -7.90 18.70 -1.42
CA SER B 6 -7.56 20.11 -1.21
C SER B 6 -6.67 20.27 0.01
N GLN B 7 -5.83 21.31 -0.04
CA GLN B 7 -4.93 21.65 1.06
C GLN B 7 -4.86 23.17 1.20
N ASN B 8 -4.72 23.61 2.45
CA ASN B 8 -4.45 25.02 2.74
C ASN B 8 -3.60 25.06 4.00
N PRO B 9 -2.72 26.07 4.13
CA PRO B 9 -2.46 27.10 3.12
C PRO B 9 -1.64 26.50 1.97
N ARG B 10 -1.51 27.18 0.82
CA ARG B 10 -0.65 26.64 -0.24
C ARG B 10 0.81 26.98 0.00
N HIS B 11 1.06 28.10 0.66
CA HIS B 11 2.40 28.55 1.04
C HIS B 11 2.30 29.05 2.47
N LYS B 12 3.42 29.00 3.20
CA LYS B 12 3.42 29.42 4.60
C LYS B 12 4.85 29.67 5.06
N ILE B 13 5.12 30.89 5.50
CA ILE B 13 6.39 31.28 6.09
C ILE B 13 6.21 31.36 7.60
N THR B 14 7.17 30.82 8.34
CA THR B 14 7.07 30.73 9.79
C THR B 14 8.43 31.04 10.41
N LYS B 15 8.43 31.89 11.44
CA LYS B 15 9.65 32.19 12.18
C LYS B 15 10.09 30.96 12.98
N ARG B 16 11.38 30.63 12.91
CA ARG B 16 11.88 29.46 13.62
C ARG B 16 11.56 29.57 15.10
N GLY B 17 10.92 28.53 15.63
CA GLY B 17 10.42 28.53 16.98
C GLY B 17 8.90 28.59 17.08
N GLN B 18 8.22 29.09 16.04
CA GLN B 18 6.77 29.20 16.08
C GLN B 18 6.11 27.90 15.64
N ASN B 19 4.81 27.82 15.83
CA ASN B 19 4.01 26.67 15.47
C ASN B 19 3.21 26.95 14.20
N VAL B 20 2.98 25.89 13.43
CA VAL B 20 2.29 25.99 12.15
C VAL B 20 1.34 24.81 12.00
N THR B 21 0.20 25.05 11.36
CA THR B 21 -0.82 24.03 11.17
C THR B 21 -1.31 24.06 9.74
N PHE B 22 -1.17 22.92 9.06
CA PHE B 22 -1.73 22.68 7.73
C PHE B 22 -3.03 21.89 7.84
N ARG B 23 -3.87 22.05 6.84
CA ARG B 23 -5.18 21.45 6.81
C ARG B 23 -5.35 20.72 5.49
N CYS B 24 -6.04 19.59 5.52
CA CYS B 24 -6.21 18.78 4.32
C CYS B 24 -7.64 18.27 4.24
N ASP B 25 -8.33 18.61 3.16
CA ASP B 25 -9.68 18.10 2.94
C ASP B 25 -9.64 17.02 1.87
N PRO B 26 -9.85 15.74 2.24
CA PRO B 26 -9.66 14.66 1.28
C PRO B 26 -10.91 14.40 0.47
N ILE B 27 -10.86 13.44 -0.42
CA ILE B 27 -12.04 13.05 -1.17
C ILE B 27 -12.95 12.26 -0.24
N SER B 28 -14.23 12.65 -0.19
CA SER B 28 -15.08 12.29 0.94
C SER B 28 -15.26 10.78 1.10
N GLU B 29 -15.22 10.02 0.01
CA GLU B 29 -15.40 8.57 0.08
C GLU B 29 -14.13 7.82 0.44
N HIS B 30 -12.99 8.48 0.56
CA HIS B 30 -11.72 7.81 0.79
C HIS B 30 -11.52 7.56 2.28
N ASN B 31 -11.54 6.28 2.70
CA ASN B 31 -11.34 5.99 4.12
C ASN B 31 -9.89 6.14 4.58
N ARG B 32 -8.93 6.12 3.65
CA ARG B 32 -7.51 6.15 4.02
C ARG B 32 -6.94 7.50 3.65
N LEU B 33 -6.17 8.08 4.59
CA LEU B 33 -5.56 9.39 4.44
C LEU B 33 -4.12 9.32 4.91
N TYR B 34 -3.24 10.02 4.19
CA TYR B 34 -1.79 9.94 4.38
C TYR B 34 -1.20 11.32 4.38
N TRP B 35 -0.13 11.49 5.15
CA TRP B 35 0.70 12.70 5.12
C TRP B 35 2.12 12.35 4.66
N TYR B 36 2.65 13.15 3.74
CA TYR B 36 4.03 12.97 3.29
C TYR B 36 4.79 14.28 3.42
N ARG B 37 6.10 14.17 3.46
CA ARG B 37 7.01 15.32 3.41
C ARG B 37 7.90 15.13 2.19
N GLN B 38 8.15 16.23 1.45
CA GLN B 38 9.00 16.16 0.26
C GLN B 38 10.00 17.31 0.20
N THR B 39 11.25 17.00 -0.04
CA THR B 39 12.28 18.02 -0.23
C THR B 39 12.88 17.90 -1.63
N LEU B 40 13.35 19.03 -2.17
CA LEU B 40 13.82 19.10 -3.55
C LEU B 40 14.83 18.01 -3.86
N GLY B 41 14.64 17.33 -4.99
CA GLY B 41 15.51 16.24 -5.38
C GLY B 41 15.23 14.92 -4.71
N GLN B 42 14.10 14.76 -4.04
CA GLN B 42 13.82 13.52 -3.34
C GLN B 42 12.36 13.16 -3.48
N GLY B 43 12.03 11.94 -3.07
CA GLY B 43 10.67 11.46 -3.16
C GLY B 43 9.90 11.90 -1.94
N PRO B 44 8.58 11.82 -2.01
CA PRO B 44 7.75 12.02 -0.80
C PRO B 44 8.15 11.02 0.29
N GLU B 45 8.43 11.53 1.50
CA GLU B 45 8.70 10.65 2.63
C GLU B 45 7.45 10.44 3.45
N PHE B 46 7.15 9.19 3.77
CA PHE B 46 5.93 8.88 4.52
C PHE B 46 5.97 9.46 5.94
N LEU B 47 4.89 10.13 6.35
CA LEU B 47 4.80 10.68 7.71
C LEU B 47 3.82 9.94 8.60
N THR B 48 2.56 9.80 8.19
CA THR B 48 1.58 9.12 9.03
C THR B 48 0.43 8.65 8.16
N TYR B 49 -0.40 7.78 8.73
CA TYR B 49 -1.45 7.12 7.97
C TYR B 49 -2.68 6.98 8.86
N PHE B 50 -3.84 7.42 8.36
CA PHE B 50 -5.12 7.29 9.04
C PHE B 50 -6.02 6.36 8.26
N GLN B 51 -6.74 5.50 8.98
CA GLN B 51 -7.88 4.76 8.44
C GLN B 51 -9.11 5.18 9.24
N ASN B 52 -10.07 5.83 8.58
CA ASN B 52 -11.18 6.61 9.19
C ASN B 52 -10.55 7.62 10.17
N GLU B 53 -10.97 7.65 11.43
CA GLU B 53 -10.40 8.60 12.37
C GLU B 53 -9.18 8.06 13.11
N ALA B 54 -8.87 6.77 12.97
CA ALA B 54 -7.78 6.15 13.71
C ALA B 54 -6.44 6.31 12.98
N GLN B 55 -5.45 6.86 13.68
CA GLN B 55 -4.07 6.90 13.19
C GLN B 55 -3.47 5.50 13.32
N LEU B 56 -3.22 4.82 12.20
CA LEU B 56 -2.68 3.47 12.25
C LEU B 56 -1.14 3.40 12.28
N GLU B 57 -0.43 4.24 11.53
CA GLU B 57 1.03 4.16 11.46
C GLU B 57 1.65 5.54 11.58
N LYS B 58 2.91 5.58 11.96
CA LYS B 58 3.68 6.83 12.09
C LYS B 58 5.11 6.52 11.66
N SER B 59 5.75 7.33 10.84
CA SER B 59 7.15 7.09 10.49
C SER B 59 7.97 7.07 11.76
N ARG B 60 8.85 6.05 11.86
CA ARG B 60 9.60 5.82 13.07
C ARG B 60 10.53 6.98 13.41
N LEU B 61 10.87 7.82 12.43
CA LEU B 61 11.76 8.96 12.66
C LEU B 61 11.01 10.24 13.03
N LEU B 62 9.69 10.28 12.88
CA LEU B 62 8.95 11.51 13.10
C LEU B 62 9.04 11.98 14.55
N SER B 63 9.24 13.29 14.72
CA SER B 63 9.41 13.90 16.03
C SER B 63 8.06 14.08 16.73
N ASP B 64 8.13 14.18 18.06
CA ASP B 64 6.92 14.53 18.82
C ASP B 64 6.53 16.00 18.67
N ARG B 65 7.31 16.78 17.91
CA ARG B 65 6.84 18.10 17.52
C ARG B 65 5.80 18.02 16.42
N PHE B 66 5.81 16.93 15.63
CA PHE B 66 4.79 16.67 14.62
C PHE B 66 3.64 15.86 15.21
N SER B 67 2.41 16.35 15.05
CA SER B 67 1.27 15.57 15.46
C SER B 67 0.13 15.83 14.50
N ALA B 68 -0.54 14.76 14.10
CA ALA B 68 -1.57 14.80 13.09
C ALA B 68 -2.88 14.30 13.70
N GLU B 69 -3.98 14.84 13.20
CA GLU B 69 -5.29 14.42 13.72
C GLU B 69 -6.31 14.41 12.58
N ARG B 70 -7.32 13.55 12.69
CA ARG B 70 -8.44 13.45 11.74
C ARG B 70 -9.69 13.13 12.55
N PRO B 71 -10.23 14.12 13.29
CA PRO B 71 -11.14 13.84 14.43
C PRO B 71 -12.39 13.07 14.08
N LYS B 72 -13.01 13.39 12.96
CA LYS B 72 -14.25 12.77 12.52
C LYS B 72 -14.07 11.97 11.23
N GLY B 73 -12.84 11.54 10.95
CA GLY B 73 -12.59 10.72 9.78
C GLY B 73 -12.82 11.42 8.47
N SER B 74 -12.80 12.76 8.47
CA SER B 74 -12.98 13.53 7.25
C SER B 74 -11.71 14.33 6.97
N PHE B 75 -11.77 15.65 7.19
CA PHE B 75 -10.60 16.49 7.08
C PHE B 75 -9.49 16.02 8.03
N SER B 76 -8.28 16.53 7.80
CA SER B 76 -7.13 16.25 8.65
C SER B 76 -6.28 17.49 8.82
N THR B 77 -5.63 17.59 9.98
CA THR B 77 -4.68 18.65 10.24
C THR B 77 -3.35 18.04 10.64
N LEU B 78 -2.27 18.70 10.25
CA LEU B 78 -0.95 18.32 10.71
C LEU B 78 -0.34 19.54 11.38
N GLU B 79 0.29 19.33 12.53
CA GLU B 79 0.85 20.44 13.27
C GLU B 79 2.31 20.21 13.59
N ILE B 80 3.11 21.26 13.44
CA ILE B 80 4.52 21.29 13.85
C ILE B 80 4.65 22.27 15.00
N GLN B 81 5.33 21.85 16.07
CA GLN B 81 5.62 22.71 17.20
C GLN B 81 7.11 23.05 17.20
N ARG B 82 7.44 24.26 17.65
CA ARG B 82 8.83 24.70 17.77
C ARG B 82 9.61 24.44 16.47
N THR B 83 9.06 24.94 15.35
CA THR B 83 9.65 24.67 14.05
C THR B 83 11.13 25.06 14.04
N GLU B 84 11.93 24.20 13.42
CA GLU B 84 13.32 24.51 13.13
C GLU B 84 13.54 24.54 11.61
N GLN B 85 14.74 24.93 11.19
CA GLN B 85 14.96 25.16 9.76
C GLN B 85 14.80 23.88 8.94
N GLY B 86 15.19 22.72 9.48
CA GLY B 86 15.06 21.47 8.75
C GLY B 86 13.63 21.00 8.50
N ASP B 87 12.62 21.73 8.98
CA ASP B 87 11.23 21.41 8.69
C ASP B 87 10.76 21.96 7.35
N SER B 88 11.47 22.94 6.78
CA SER B 88 11.10 23.52 5.50
C SER B 88 11.05 22.43 4.44
N ALA B 89 9.91 22.32 3.76
CA ALA B 89 9.64 21.23 2.85
C ALA B 89 8.25 21.44 2.27
N MET B 90 7.91 20.59 1.30
CA MET B 90 6.55 20.47 0.79
C MET B 90 5.80 19.40 1.58
N TYR B 91 4.66 19.78 2.16
CA TYR B 91 3.86 18.89 3.02
C TYR B 91 2.63 18.44 2.24
N LEU B 92 2.61 17.16 1.88
CA LEU B 92 1.64 16.61 0.93
C LEU B 92 0.60 15.80 1.67
N CYS B 93 -0.66 16.01 1.32
CA CYS B 93 -1.78 15.20 1.76
C CYS B 93 -2.20 14.29 0.63
N ALA B 94 -2.65 13.08 0.98
CA ALA B 94 -3.15 12.16 -0.02
C ALA B 94 -4.22 11.26 0.61
N SER B 95 -5.18 10.87 -0.20
CA SER B 95 -6.27 10.01 0.24
C SER B 95 -6.45 8.90 -0.78
N SER B 96 -7.13 7.82 -0.35
CA SER B 96 -7.26 6.62 -1.17
C SER B 96 -8.43 5.79 -0.74
N PRO B 97 -9.15 5.13 -1.66
CA PRO B 97 -10.21 4.20 -1.26
C PRO B 97 -9.61 2.87 -0.80
N ASP B 98 -8.40 2.55 -1.27
CA ASP B 98 -7.73 1.26 -1.00
C ASP B 98 -6.21 1.41 -0.99
N ILE B 99 -5.59 1.58 -2.15
CA ILE B 99 -4.11 1.74 -2.16
C ILE B 99 -3.68 2.89 -3.05
N GLU B 100 -4.30 3.07 -4.21
CA GLU B 100 -3.97 4.13 -5.19
C GLU B 100 -4.10 5.49 -4.50
N GLN B 101 -3.07 6.31 -4.58
CA GLN B 101 -3.09 7.56 -3.84
C GLN B 101 -3.36 8.76 -4.74
N TYR B 102 -4.14 9.70 -4.21
CA TYR B 102 -4.53 10.93 -4.88
C TYR B 102 -4.07 12.08 -4.00
N PHE B 103 -3.19 12.93 -4.52
CA PHE B 103 -2.54 13.98 -3.75
C PHE B 103 -3.26 15.33 -3.84
N GLY B 104 -3.21 16.08 -2.72
CA GLY B 104 -3.55 17.48 -2.74
C GLY B 104 -2.40 18.31 -3.24
N PRO B 105 -2.67 19.59 -3.50
CA PRO B 105 -1.65 20.45 -4.13
C PRO B 105 -0.53 20.86 -3.18
N GLY B 106 -0.52 20.37 -1.95
CA GLY B 106 0.58 20.61 -1.04
C GLY B 106 0.52 21.94 -0.29
N THR B 107 1.28 21.99 0.80
CA THR B 107 1.60 23.21 1.53
C THR B 107 3.12 23.33 1.54
N ARG B 108 3.64 24.46 1.05
CA ARG B 108 5.08 24.68 0.97
C ARG B 108 5.49 25.58 2.14
N LEU B 109 6.26 25.02 3.07
CA LEU B 109 6.59 25.68 4.33
C LEU B 109 8.01 26.18 4.31
N THR B 110 8.20 27.43 4.73
CA THR B 110 9.56 27.97 4.88
C THR B 110 9.74 28.43 6.32
N VAL B 111 10.80 27.93 6.94
CA VAL B 111 11.13 28.28 8.31
C VAL B 111 12.43 29.06 8.28
N THR B 112 12.36 30.31 8.74
CA THR B 112 13.50 31.20 8.75
C THR B 112 13.65 31.83 10.13
N GLU B 113 14.89 32.24 10.44
CA GLU B 113 15.20 32.71 11.80
C GLU B 113 14.43 33.99 12.15
N ASP B 114 14.23 34.89 11.19
CA ASP B 114 13.51 36.13 11.41
C ASP B 114 12.65 36.46 10.19
N LEU B 115 11.42 36.91 10.43
CA LEU B 115 10.58 37.34 9.32
C LEU B 115 11.14 38.56 8.60
N LYS B 116 12.20 39.17 9.13
CA LYS B 116 12.88 40.25 8.44
C LYS B 116 13.87 39.76 7.38
N ASN B 117 14.00 38.43 7.17
CA ASN B 117 14.75 37.90 6.04
C ASN B 117 13.91 37.77 4.78
N VAL B 118 12.60 38.03 4.85
CA VAL B 118 11.67 37.84 3.75
C VAL B 118 11.65 39.13 2.92
N PHE B 119 12.08 39.06 1.66
CA PHE B 119 12.07 40.17 0.71
C PHE B 119 11.30 39.81 -0.56
N PRO B 120 10.56 40.76 -1.13
CA PRO B 120 9.94 40.52 -2.45
C PRO B 120 10.98 40.67 -3.56
N PRO B 121 10.64 40.29 -4.79
CA PRO B 121 11.57 40.49 -5.90
C PRO B 121 11.54 41.91 -6.44
N GLU B 122 12.69 42.33 -6.93
CA GLU B 122 12.79 43.43 -7.88
C GLU B 122 12.87 42.82 -9.28
N VAL B 123 12.06 43.34 -10.20
CA VAL B 123 11.92 42.78 -11.54
C VAL B 123 12.46 43.78 -12.55
N ALA B 124 13.31 43.31 -13.46
CA ALA B 124 13.84 44.13 -14.55
C ALA B 124 13.69 43.39 -15.87
N VAL B 125 13.29 44.12 -16.91
CA VAL B 125 13.27 43.60 -18.28
C VAL B 125 14.44 44.18 -19.06
N PHE B 126 15.14 43.33 -19.80
CA PHE B 126 16.22 43.73 -20.67
C PHE B 126 15.81 43.50 -22.12
N GLU B 127 16.02 44.50 -22.95
CA GLU B 127 15.50 44.48 -24.31
C GLU B 127 16.47 43.82 -25.29
N PRO B 128 15.97 43.32 -26.42
CA PRO B 128 16.82 42.52 -27.32
C PRO B 128 18.01 43.29 -27.84
N SER B 129 19.12 42.57 -28.04
CA SER B 129 20.32 43.16 -28.60
C SER B 129 20.11 43.46 -30.08
N GLU B 130 20.64 44.60 -30.53
CA GLU B 130 20.50 44.92 -31.96
C GLU B 130 21.32 43.96 -32.81
N ALA B 131 22.48 43.54 -32.31
CA ALA B 131 23.29 42.54 -33.01
C ALA B 131 22.51 41.25 -33.25
N GLU B 132 21.77 40.78 -32.24
CA GLU B 132 20.96 39.58 -32.43
C GLU B 132 19.89 39.80 -33.49
N ILE B 133 19.29 40.99 -33.52
CA ILE B 133 18.28 41.32 -34.52
C ILE B 133 18.83 41.10 -35.93
N SER B 134 19.89 41.84 -36.28
CA SER B 134 20.39 41.73 -37.65
C SER B 134 20.94 40.35 -37.96
N HIS B 135 21.37 39.60 -36.94
CA HIS B 135 22.02 38.33 -37.19
C HIS B 135 21.04 37.17 -37.37
N THR B 136 19.89 37.20 -36.71
CA THR B 136 18.96 36.07 -36.74
C THR B 136 17.53 36.46 -37.12
N GLN B 137 17.20 37.75 -37.17
CA GLN B 137 15.82 38.23 -37.36
C GLN B 137 14.87 37.67 -36.29
N LYS B 138 15.36 37.51 -35.06
CA LYS B 138 14.51 37.22 -33.90
C LYS B 138 14.98 38.07 -32.73
N ALA B 139 14.07 38.35 -31.80
CA ALA B 139 14.33 39.27 -30.69
C ALA B 139 14.01 38.59 -29.35
N THR B 140 15.04 38.46 -28.49
CA THR B 140 14.91 37.81 -27.20
C THR B 140 14.90 38.84 -26.08
N LEU B 141 13.80 38.90 -25.34
CA LEU B 141 13.73 39.70 -24.12
C LEU B 141 14.12 38.81 -22.95
N VAL B 142 14.80 39.40 -21.96
CA VAL B 142 15.16 38.70 -20.72
C VAL B 142 14.49 39.39 -19.54
N CYS B 143 13.99 38.59 -18.60
CA CYS B 143 13.45 39.08 -17.34
C CYS B 143 14.30 38.56 -16.19
N LEU B 144 14.57 39.43 -15.21
CA LEU B 144 15.41 39.09 -14.06
C LEU B 144 14.69 39.50 -12.78
N ALA B 145 14.14 38.51 -12.07
CA ALA B 145 13.66 38.70 -10.71
C ALA B 145 14.84 38.50 -9.77
N THR B 146 15.14 39.51 -8.94
CA THR B 146 16.30 39.45 -8.07
C THR B 146 15.91 39.87 -6.65
N GLY B 147 16.73 39.39 -5.69
CA GLY B 147 16.67 39.86 -4.32
C GLY B 147 15.55 39.33 -3.46
N PHE B 148 15.03 38.16 -3.74
CA PHE B 148 13.84 37.72 -3.03
C PHE B 148 14.12 36.52 -2.13
N TYR B 149 13.22 36.33 -1.14
CA TYR B 149 13.30 35.26 -0.14
C TYR B 149 11.94 35.08 0.53
N PRO B 150 11.40 33.85 0.63
CA PRO B 150 11.94 32.56 0.17
C PRO B 150 11.89 32.40 -1.35
N ASP B 151 12.24 31.22 -1.82
CA ASP B 151 12.63 31.05 -3.21
C ASP B 151 11.50 30.61 -4.13
N HIS B 152 10.24 30.77 -3.75
CA HIS B 152 9.15 30.40 -4.64
C HIS B 152 8.51 31.65 -5.24
N VAL B 153 8.60 31.76 -6.55
CA VAL B 153 7.96 32.84 -7.34
C VAL B 153 7.40 32.21 -8.62
N GLU B 154 6.39 32.82 -9.22
CA GLU B 154 5.85 32.29 -10.49
C GLU B 154 5.94 33.39 -11.55
N LEU B 155 6.61 33.08 -12.63
CA LEU B 155 6.88 34.07 -13.66
C LEU B 155 6.04 33.79 -14.90
N SER B 156 5.29 34.79 -15.35
CA SER B 156 4.55 34.71 -16.60
C SER B 156 4.92 35.91 -17.48
N TRP B 157 4.69 35.76 -18.80
CA TRP B 157 4.87 36.83 -19.77
C TRP B 157 3.51 37.23 -20.34
N TRP B 158 3.26 38.53 -20.43
CA TRP B 158 2.01 39.07 -20.95
C TRP B 158 2.31 40.07 -22.06
N VAL B 159 1.75 39.83 -23.24
CA VAL B 159 2.03 40.61 -24.45
C VAL B 159 0.72 41.25 -24.90
N ASN B 160 0.63 42.57 -24.81
CA ASN B 160 -0.59 43.31 -25.18
C ASN B 160 -1.81 42.75 -24.43
N GLY B 161 -1.63 42.55 -23.13
CA GLY B 161 -2.71 42.16 -22.24
C GLY B 161 -3.02 40.68 -22.20
N LYS B 162 -2.22 39.84 -22.85
CA LYS B 162 -2.53 38.42 -22.99
C LYS B 162 -1.32 37.58 -22.60
N GLU B 163 -1.54 36.59 -21.73
CA GLU B 163 -0.46 35.70 -21.30
C GLU B 163 -0.02 34.81 -22.46
N VAL B 164 1.29 34.75 -22.68
CA VAL B 164 1.85 34.02 -23.81
C VAL B 164 2.77 32.91 -23.31
N HIS B 165 2.79 31.80 -24.05
CA HIS B 165 3.71 30.71 -23.78
C HIS B 165 4.69 30.48 -24.93
N SER B 166 4.28 30.71 -26.17
CA SER B 166 5.16 30.48 -27.30
C SER B 166 6.39 31.37 -27.20
N GLY B 167 7.56 30.75 -27.24
CA GLY B 167 8.80 31.50 -27.15
C GLY B 167 9.31 31.71 -25.73
N VAL B 168 8.53 31.34 -24.71
CA VAL B 168 8.87 31.59 -23.31
C VAL B 168 9.76 30.47 -22.79
N CYS B 169 10.79 30.86 -22.03
CA CYS B 169 11.79 29.93 -21.52
C CYS B 169 12.18 30.42 -20.11
N THR B 170 11.66 29.77 -19.07
CA THR B 170 11.97 30.15 -17.69
C THR B 170 12.91 29.13 -17.04
N ASP B 171 13.82 29.62 -16.20
CA ASP B 171 14.64 28.74 -15.37
C ASP B 171 13.76 27.84 -14.51
N PRO B 172 14.17 26.59 -14.28
CA PRO B 172 13.32 25.68 -13.50
C PRO B 172 13.38 25.97 -12.01
N GLN B 173 14.57 26.31 -11.52
CA GLN B 173 14.80 26.64 -10.12
C GLN B 173 15.61 27.92 -10.01
N PRO B 174 15.34 28.73 -8.99
CA PRO B 174 16.12 29.95 -8.78
C PRO B 174 17.53 29.62 -8.27
N LEU B 175 18.45 30.57 -8.48
CA LEU B 175 19.81 30.44 -7.98
C LEU B 175 20.03 31.41 -6.84
N LYS B 176 21.06 31.14 -6.04
CA LYS B 176 21.33 31.87 -4.80
C LYS B 176 22.38 32.94 -5.03
N GLU B 177 22.08 34.16 -4.58
CA GLU B 177 22.95 35.30 -4.84
C GLU B 177 24.18 35.34 -3.92
N GLN B 178 24.06 34.80 -2.72
CA GLN B 178 25.17 34.73 -1.76
C GLN B 178 25.24 33.29 -1.23
N PRO B 179 25.85 32.38 -1.99
CA PRO B 179 25.78 30.95 -1.60
C PRO B 179 26.41 30.65 -0.25
N ALA B 180 27.40 31.45 0.17
CA ALA B 180 28.03 31.29 1.49
C ALA B 180 27.30 32.14 2.52
N LEU B 181 26.04 31.78 2.73
CA LEU B 181 25.19 32.41 3.74
C LEU B 181 23.89 31.63 3.80
N ASN B 182 23.38 31.44 5.02
CA ASN B 182 22.12 30.73 5.18
C ASN B 182 20.93 31.61 4.83
N ASP B 183 21.07 32.94 4.93
CA ASP B 183 19.98 33.88 4.68
C ASP B 183 19.82 34.22 3.20
N SER B 184 20.49 33.51 2.29
CA SER B 184 20.71 34.01 0.94
C SER B 184 19.43 34.34 0.20
N ARG B 185 19.43 35.50 -0.44
CA ARG B 185 18.35 35.86 -1.34
C ARG B 185 18.60 35.27 -2.73
N TYR B 186 17.54 35.16 -3.52
CA TYR B 186 17.57 34.40 -4.75
C TYR B 186 17.40 35.29 -5.99
N ALA B 187 17.64 34.69 -7.16
CA ALA B 187 17.41 35.33 -8.45
C ALA B 187 16.76 34.33 -9.41
N LEU B 188 16.05 34.86 -10.40
CA LEU B 188 15.35 34.02 -11.36
C LEU B 188 15.31 34.74 -12.71
N SER B 189 15.52 33.98 -13.78
CA SER B 189 15.59 34.49 -15.14
C SER B 189 14.54 33.85 -16.04
N SER B 190 14.17 34.57 -17.10
CA SER B 190 13.25 34.05 -18.11
C SER B 190 13.48 34.77 -19.43
N ARG B 191 13.10 34.12 -20.53
CA ARG B 191 13.24 34.68 -21.86
C ARG B 191 11.90 34.66 -22.60
N LEU B 192 11.71 35.67 -23.43
CA LEU B 192 10.62 35.73 -24.38
C LEU B 192 11.22 36.13 -25.72
N ARG B 193 11.08 35.26 -26.71
CA ARG B 193 11.68 35.47 -28.02
C ARG B 193 10.58 35.60 -29.06
N VAL B 194 10.62 36.68 -29.83
CA VAL B 194 9.63 36.96 -30.87
C VAL B 194 10.37 37.27 -32.16
N SER B 195 9.61 37.44 -33.23
CA SER B 195 10.21 37.87 -34.49
C SER B 195 10.72 39.30 -34.36
N ALA B 196 11.79 39.59 -35.08
CA ALA B 196 12.32 40.95 -35.14
C ALA B 196 11.24 41.96 -35.54
N THR B 197 10.42 41.58 -36.52
CA THR B 197 9.35 42.48 -36.96
C THR B 197 8.36 42.77 -35.82
N PHE B 198 7.98 41.73 -35.04
CA PHE B 198 7.02 41.95 -33.96
C PHE B 198 7.58 42.86 -32.88
N TRP B 199 8.87 42.69 -32.55
CA TRP B 199 9.49 43.58 -31.57
C TRP B 199 9.64 45.00 -32.12
N GLN B 200 9.92 45.13 -33.43
CA GLN B 200 10.16 46.47 -33.99
C GLN B 200 8.90 47.32 -34.05
N ASN B 201 7.73 46.77 -33.75
CA ASN B 201 6.45 47.47 -33.69
C ASN B 201 6.28 48.16 -32.35
N PRO B 202 6.38 49.48 -32.27
CA PRO B 202 6.25 50.18 -30.99
C PRO B 202 4.86 50.07 -30.39
N ARG B 203 3.88 49.58 -31.15
CA ARG B 203 2.56 49.35 -30.60
C ARG B 203 2.51 48.18 -29.65
N ASN B 204 3.60 47.41 -29.54
CA ASN B 204 3.59 46.15 -28.81
C ASN B 204 4.14 46.35 -27.40
N HIS B 205 3.43 45.80 -26.43
CA HIS B 205 3.72 45.99 -25.01
C HIS B 205 4.05 44.63 -24.41
N PHE B 206 5.20 44.53 -23.76
CA PHE B 206 5.68 43.29 -23.16
C PHE B 206 5.80 43.48 -21.66
N ARG B 207 5.17 42.58 -20.87
CA ARG B 207 5.21 42.67 -19.41
C ARG B 207 5.62 41.33 -18.79
N CYS B 208 6.69 41.36 -18.01
CA CYS B 208 7.11 40.22 -17.22
C CYS B 208 6.48 40.31 -15.82
N GLN B 209 5.75 39.28 -15.42
CA GLN B 209 4.93 39.30 -14.21
C GLN B 209 5.42 38.21 -13.27
N VAL B 210 5.79 38.60 -12.04
CA VAL B 210 6.35 37.66 -11.06
C VAL B 210 5.46 37.64 -9.83
N GLN B 211 4.83 36.50 -9.56
CA GLN B 211 4.02 36.32 -8.35
C GLN B 211 4.91 35.84 -7.22
N PHE B 212 4.96 36.59 -6.12
CA PHE B 212 5.76 36.28 -4.95
C PHE B 212 4.87 35.79 -3.82
N TYR B 213 5.33 34.79 -3.08
CA TYR B 213 4.60 34.28 -1.92
C TYR B 213 5.36 34.68 -0.67
N GLY B 214 4.73 35.51 0.15
CA GLY B 214 5.41 36.09 1.30
C GLY B 214 4.60 35.95 2.58
N LEU B 215 4.51 37.03 3.34
CA LEU B 215 3.88 37.00 4.66
C LEU B 215 2.36 37.06 4.54
N SER B 216 1.69 36.47 5.52
CA SER B 216 0.23 36.57 5.57
C SER B 216 -0.15 37.94 6.12
N GLU B 217 -1.46 38.20 6.13
CA GLU B 217 -1.96 39.43 6.74
C GLU B 217 -1.79 39.41 8.26
N ASN B 218 -1.87 38.23 8.90
CA ASN B 218 -1.72 38.15 10.35
C ASN B 218 -0.33 38.55 10.80
N ASP B 219 0.68 38.39 9.94
CA ASP B 219 2.07 38.45 10.40
C ASP B 219 2.44 39.84 10.90
N GLU B 220 3.27 39.87 11.94
CA GLU B 220 3.63 41.09 12.63
C GLU B 220 4.83 41.72 11.96
N TRP B 221 4.64 42.90 11.37
CA TRP B 221 5.74 43.57 10.70
C TRP B 221 6.41 44.57 11.64
N THR B 222 7.73 44.54 11.64
CA THR B 222 8.56 45.16 12.65
C THR B 222 9.48 46.27 12.15
N GLN B 223 9.61 46.48 10.83
CA GLN B 223 10.64 47.36 10.27
C GLN B 223 10.03 48.53 9.51
N ASP B 224 10.91 49.41 9.02
CA ASP B 224 10.46 50.59 8.30
C ASP B 224 10.01 50.25 6.89
N ARG B 225 10.73 49.34 6.22
CA ARG B 225 10.38 48.97 4.86
C ARG B 225 9.00 48.31 4.81
N ALA B 226 8.45 48.27 3.60
CA ALA B 226 7.10 47.74 3.42
C ALA B 226 7.05 46.27 3.82
N LYS B 227 5.88 45.85 4.30
CA LYS B 227 5.69 44.46 4.73
C LYS B 227 5.75 43.54 3.50
N PRO B 228 6.65 42.55 3.49
CA PRO B 228 6.87 41.69 2.30
C PRO B 228 5.81 40.61 2.13
N VAL B 229 4.60 41.02 1.75
CA VAL B 229 3.47 40.12 1.66
C VAL B 229 3.42 39.49 0.27
N THR B 230 2.70 38.38 0.18
CA THR B 230 2.26 37.83 -1.10
C THR B 230 1.80 38.96 -2.03
N GLN B 231 2.45 39.05 -3.19
CA GLN B 231 2.20 40.16 -4.11
C GLN B 231 2.77 39.79 -5.47
N ILE B 232 2.38 40.56 -6.48
CA ILE B 232 2.88 40.44 -7.85
C ILE B 232 3.72 41.67 -8.16
N VAL B 233 4.86 41.46 -8.82
CA VAL B 233 5.73 42.54 -9.26
C VAL B 233 5.98 42.36 -10.75
N SER B 234 5.82 43.45 -11.51
CA SER B 234 5.91 43.45 -12.96
C SER B 234 7.02 44.40 -13.41
N ALA B 235 7.53 44.14 -14.60
CA ALA B 235 8.38 45.06 -15.33
C ALA B 235 7.96 44.98 -16.79
N GLU B 236 8.26 46.02 -17.56
CA GLU B 236 7.73 46.06 -18.92
C GLU B 236 8.72 46.69 -19.89
N ALA B 237 8.39 46.54 -21.17
CA ALA B 237 9.08 47.21 -22.26
C ALA B 237 8.08 47.37 -23.39
N TRP B 238 8.34 48.35 -24.25
CA TRP B 238 7.59 48.52 -25.49
C TRP B 238 8.54 48.24 -26.64
N GLY B 239 7.96 47.79 -27.76
CA GLY B 239 8.76 47.62 -28.96
C GLY B 239 9.43 48.92 -29.38
N ARG B 240 10.56 48.78 -30.06
CA ARG B 240 11.30 49.93 -30.58
C ARG B 240 11.56 49.71 -32.06
N ALA B 241 11.00 50.60 -32.89
CA ALA B 241 11.32 50.55 -34.32
C ALA B 241 12.81 50.70 -34.55
N ASP B 242 13.44 51.59 -33.81
CA ASP B 242 14.86 51.90 -33.97
C ASP B 242 15.19 52.19 -35.44
N GLY C 1 1.34 -35.81 -2.54
CA GLY C 1 -0.04 -35.42 -2.72
C GLY C 1 -0.29 -33.93 -2.55
N SER C 2 -1.51 -33.49 -2.82
CA SER C 2 -1.85 -32.08 -2.74
C SER C 2 -1.58 -31.52 -1.34
N HIS C 3 -1.39 -30.21 -1.29
CA HIS C 3 -1.17 -29.49 -0.04
C HIS C 3 -1.94 -28.17 -0.07
N SER C 4 -2.05 -27.54 1.09
CA SER C 4 -2.82 -26.30 1.17
C SER C 4 -2.29 -25.41 2.27
N MET C 5 -2.51 -24.10 2.11
CA MET C 5 -2.31 -23.13 3.17
C MET C 5 -3.58 -22.30 3.28
N ARG C 6 -4.11 -22.14 4.48
CA ARG C 6 -5.31 -21.34 4.65
C ARG C 6 -5.19 -20.52 5.91
N TYR C 7 -5.76 -19.32 5.86
CA TYR C 7 -5.96 -18.46 7.03
C TYR C 7 -7.46 -18.31 7.26
N PHE C 8 -7.86 -18.40 8.53
CA PHE C 8 -9.26 -18.29 8.94
C PHE C 8 -9.37 -17.13 9.91
N PHE C 9 -10.31 -16.21 9.65
CA PHE C 9 -10.50 -15.03 10.50
C PHE C 9 -11.94 -14.93 10.97
N THR C 10 -12.13 -14.66 12.25
CA THR C 10 -13.45 -14.45 12.83
C THR C 10 -13.47 -13.11 13.56
N SER C 11 -14.46 -12.28 13.25
CA SER C 11 -14.65 -11.00 13.91
C SER C 11 -16.07 -10.93 14.45
N VAL C 12 -16.22 -10.75 15.76
CA VAL C 12 -17.51 -10.79 16.46
C VAL C 12 -17.71 -9.47 17.18
N SER C 13 -18.72 -8.71 16.75
CA SER C 13 -19.06 -7.49 17.48
C SER C 13 -19.65 -7.79 18.86
N ARG C 14 -19.28 -6.97 19.84
CA ARG C 14 -19.73 -7.09 21.22
C ARG C 14 -20.51 -5.82 21.52
N PRO C 15 -21.80 -5.79 21.17
CA PRO C 15 -22.60 -4.56 21.33
C PRO C 15 -22.63 -4.14 22.79
N GLY C 16 -22.18 -2.92 23.05
CA GLY C 16 -22.18 -2.40 24.41
C GLY C 16 -21.13 -2.97 25.32
N ARG C 17 -20.20 -3.76 24.79
CA ARG C 17 -19.11 -4.32 25.56
C ARG C 17 -17.78 -4.07 24.86
N GLY C 18 -17.71 -3.01 24.06
CA GLY C 18 -16.44 -2.50 23.56
C GLY C 18 -15.93 -3.18 22.31
N GLU C 19 -14.61 -3.34 22.22
CA GLU C 19 -13.99 -3.72 20.96
C GLU C 19 -14.42 -5.13 20.58
N PRO C 20 -14.53 -5.42 19.29
CA PRO C 20 -14.98 -6.75 18.87
C PRO C 20 -13.88 -7.78 19.08
N ARG C 21 -14.32 -9.03 19.16
CA ARG C 21 -13.41 -10.16 19.27
C ARG C 21 -12.85 -10.50 17.90
N PHE C 22 -11.53 -10.64 17.79
CA PHE C 22 -10.87 -11.05 16.55
C PHE C 22 -10.01 -12.27 16.80
N ILE C 23 -10.26 -13.34 16.05
CA ILE C 23 -9.46 -14.56 16.09
C ILE C 23 -8.93 -14.82 14.69
N ALA C 24 -7.62 -15.01 14.58
CA ALA C 24 -7.01 -15.39 13.31
C ALA C 24 -6.23 -16.68 13.52
N VAL C 25 -6.39 -17.63 12.59
CA VAL C 25 -5.72 -18.93 12.66
C VAL C 25 -5.23 -19.33 11.27
N GLY C 26 -4.04 -19.93 11.21
CA GLY C 26 -3.45 -20.33 9.96
C GLY C 26 -3.09 -21.80 9.90
N TYR C 27 -3.50 -22.49 8.84
CA TYR C 27 -3.23 -23.91 8.69
C TYR C 27 -2.31 -24.15 7.50
N VAL C 28 -1.46 -25.15 7.65
CA VAL C 28 -0.90 -25.87 6.50
C VAL C 28 -1.50 -27.27 6.54
N ASP C 29 -2.31 -27.57 5.51
CA ASP C 29 -3.15 -28.76 5.49
C ASP C 29 -3.99 -28.80 6.78
N ASP C 30 -3.88 -29.87 7.56
CA ASP C 30 -4.69 -30.04 8.77
C ASP C 30 -3.95 -29.63 10.05
N THR C 31 -2.76 -29.05 9.94
CA THR C 31 -1.94 -28.68 11.09
C THR C 31 -1.97 -27.17 11.26
N GLN C 32 -2.53 -26.72 12.38
CA GLN C 32 -2.50 -25.30 12.70
C GLN C 32 -1.10 -24.89 13.10
N PHE C 33 -0.63 -23.74 12.58
CA PHE C 33 0.73 -23.32 12.90
C PHE C 33 0.88 -21.92 13.49
N VAL C 34 -0.14 -21.07 13.41
CA VAL C 34 -0.09 -19.74 14.01
C VAL C 34 -1.49 -19.40 14.50
N ARG C 35 -1.55 -18.49 15.47
CA ARG C 35 -2.82 -17.99 15.97
C ARG C 35 -2.64 -16.56 16.45
N PHE C 36 -3.70 -15.77 16.31
CA PHE C 36 -3.79 -14.49 16.99
C PHE C 36 -5.18 -14.37 17.58
N ASP C 37 -5.24 -14.01 18.87
CA ASP C 37 -6.50 -13.84 19.58
C ASP C 37 -6.50 -12.52 20.31
N SER C 38 -7.45 -11.64 19.97
CA SER C 38 -7.55 -10.33 20.62
C SER C 38 -7.70 -10.42 22.13
N ASP C 39 -8.19 -11.54 22.65
CA ASP C 39 -8.42 -11.68 24.08
C ASP C 39 -7.18 -12.09 24.88
N ALA C 40 -6.11 -12.51 24.22
CA ALA C 40 -4.99 -13.10 24.94
C ALA C 40 -3.97 -12.03 25.34
N ALA C 41 -3.09 -12.41 26.28
CA ALA C 41 -2.17 -11.45 26.90
C ALA C 41 -1.20 -10.84 25.89
N SER C 42 -0.74 -11.63 24.91
CA SER C 42 0.47 -11.26 24.16
C SER C 42 0.23 -10.18 23.11
N GLN C 43 -0.91 -10.20 22.43
CA GLN C 43 -1.17 -9.26 21.33
C GLN C 43 -0.09 -9.36 20.24
N ARG C 44 0.50 -10.55 20.11
CA ARG C 44 1.36 -10.92 19.01
C ARG C 44 0.73 -12.09 18.28
N MET C 45 1.25 -12.35 17.09
CA MET C 45 1.04 -13.63 16.43
C MET C 45 1.93 -14.66 17.10
N GLU C 46 1.40 -15.86 17.30
CA GLU C 46 2.04 -16.83 18.16
C GLU C 46 2.21 -18.16 17.43
N PRO C 47 3.32 -18.85 17.67
CA PRO C 47 3.51 -20.17 17.07
C PRO C 47 2.61 -21.21 17.69
N ARG C 48 2.17 -22.16 16.87
CA ARG C 48 1.38 -23.30 17.32
C ARG C 48 1.89 -24.61 16.75
N ALA C 49 3.02 -24.61 16.05
CA ALA C 49 3.65 -25.86 15.63
C ALA C 49 5.14 -25.69 15.81
N PRO C 50 5.87 -26.78 16.05
CA PRO C 50 7.31 -26.64 16.35
C PRO C 50 8.11 -26.03 15.22
N TRP C 51 7.77 -26.36 13.97
CA TRP C 51 8.58 -25.96 12.84
C TRP C 51 8.44 -24.50 12.45
N ILE C 52 7.52 -23.76 13.09
CA ILE C 52 7.43 -22.33 12.80
C ILE C 52 8.24 -21.51 13.81
N GLU C 53 8.61 -22.10 14.94
CA GLU C 53 9.38 -21.38 15.94
C GLU C 53 10.75 -20.94 15.45
N GLN C 54 11.31 -21.62 14.44
CA GLN C 54 12.64 -21.25 13.95
C GLN C 54 12.64 -19.93 13.18
N GLU C 55 11.49 -19.50 12.67
CA GLU C 55 11.41 -18.17 12.05
C GLU C 55 11.87 -17.13 13.06
N GLY C 56 12.53 -16.08 12.55
CA GLY C 56 13.20 -15.11 13.38
C GLY C 56 12.35 -13.89 13.67
N PRO C 57 12.95 -12.92 14.38
CA PRO C 57 12.19 -11.73 14.79
C PRO C 57 11.51 -10.97 13.67
N GLU C 58 12.13 -10.84 12.49
CA GLU C 58 11.50 -10.07 11.42
C GLU C 58 10.19 -10.72 10.97
N TYR C 59 10.16 -12.06 10.92
CA TYR C 59 8.94 -12.74 10.52
C TYR C 59 7.81 -12.49 11.52
N TRP C 60 8.11 -12.55 12.84
CA TRP C 60 7.08 -12.43 13.86
C TRP C 60 6.60 -10.98 14.01
N ASP C 61 7.51 -10.02 14.02
CA ASP C 61 7.09 -8.62 13.96
C ASP C 61 6.21 -8.36 12.74
N GLY C 62 6.59 -8.92 11.59
CA GLY C 62 5.82 -8.71 10.37
C GLY C 62 4.46 -9.39 10.40
N GLU C 63 4.39 -10.65 10.84
CA GLU C 63 3.09 -11.31 10.92
C GLU C 63 2.19 -10.65 11.98
N THR C 64 2.78 -10.16 13.07
CA THR C 64 2.03 -9.41 14.07
C THR C 64 1.50 -8.09 13.49
N ARG C 65 2.36 -7.32 12.79
CA ARG C 65 1.94 -6.08 12.16
C ARG C 65 0.79 -6.29 11.19
N LYS C 66 0.82 -7.38 10.46
CA LYS C 66 -0.25 -7.63 9.50
C LYS C 66 -1.51 -8.13 10.18
N VAL C 67 -1.39 -8.96 11.22
CA VAL C 67 -2.61 -9.50 11.84
C VAL C 67 -3.38 -8.36 12.53
N LYS C 68 -2.66 -7.40 13.12
CA LYS C 68 -3.32 -6.22 13.68
C LYS C 68 -3.97 -5.37 12.57
N ALA C 69 -3.39 -5.35 11.37
CA ALA C 69 -4.06 -4.64 10.28
C ALA C 69 -5.33 -5.35 9.83
N HIS C 70 -5.28 -6.68 9.69
CA HIS C 70 -6.50 -7.43 9.39
C HIS C 70 -7.55 -7.13 10.44
N SER C 71 -7.12 -7.08 11.70
CA SER C 71 -8.03 -6.76 12.80
C SER C 71 -8.66 -5.40 12.62
N GLN C 72 -7.83 -4.37 12.43
CA GLN C 72 -8.37 -3.03 12.25
C GLN C 72 -9.35 -2.99 11.09
N THR C 73 -9.03 -3.68 10.00
CA THR C 73 -9.88 -3.60 8.82
C THR C 73 -11.19 -4.32 9.04
N HIS C 74 -11.17 -5.45 9.74
CA HIS C 74 -12.43 -6.15 10.08
C HIS C 74 -13.28 -5.36 11.06
N ARG C 75 -12.68 -4.57 11.93
CA ARG C 75 -13.43 -3.72 12.89
C ARG C 75 -14.23 -2.71 12.09
N VAL C 76 -13.63 -2.10 11.08
CA VAL C 76 -14.35 -1.18 10.21
C VAL C 76 -15.42 -1.93 9.43
N ASP C 77 -15.11 -3.14 8.95
CA ASP C 77 -16.10 -3.91 8.18
C ASP C 77 -17.37 -4.17 8.98
N LEU C 78 -17.24 -4.46 10.28
CA LEU C 78 -18.44 -4.72 11.09
C LEU C 78 -19.34 -3.50 11.13
N GLY C 79 -18.75 -2.31 11.20
CA GLY C 79 -19.56 -1.10 11.14
C GLY C 79 -20.17 -0.89 9.77
N THR C 80 -19.41 -1.20 8.72
CA THR C 80 -19.92 -1.03 7.37
C THR C 80 -21.10 -1.96 7.11
N LEU C 81 -20.98 -3.22 7.52
CA LEU C 81 -22.04 -4.19 7.26
C LEU C 81 -23.30 -3.87 8.08
N ARG C 82 -23.14 -3.43 9.32
CA ARG C 82 -24.28 -2.92 10.07
C ARG C 82 -24.99 -1.82 9.29
N GLY C 83 -24.21 -0.90 8.71
CA GLY C 83 -24.81 0.16 7.91
C GLY C 83 -25.48 -0.37 6.65
N TYR C 84 -24.84 -1.33 5.98
CA TYR C 84 -25.40 -1.87 4.74
C TYR C 84 -26.76 -2.54 5.00
N TYR C 85 -26.87 -3.34 6.05
CA TYR C 85 -28.12 -4.03 6.35
C TYR C 85 -28.99 -3.28 7.34
N ASN C 86 -28.66 -2.02 7.62
CA ASN C 86 -29.38 -1.18 8.59
C ASN C 86 -29.75 -1.97 9.85
N GLN C 87 -28.77 -2.67 10.38
CA GLN C 87 -28.98 -3.37 11.64
C GLN C 87 -28.66 -2.44 12.79
N SER C 88 -29.37 -2.65 13.90
CA SER C 88 -29.17 -1.81 15.07
C SER C 88 -27.86 -2.18 15.76
N GLU C 89 -27.44 -1.31 16.68
CA GLU C 89 -26.28 -1.58 17.52
C GLU C 89 -26.56 -2.55 18.66
N ALA C 90 -27.77 -3.12 18.74
CA ALA C 90 -28.09 -3.99 19.87
C ALA C 90 -27.61 -5.42 19.68
N GLY C 91 -27.43 -5.86 18.44
CA GLY C 91 -27.12 -7.24 18.15
C GLY C 91 -25.64 -7.48 17.95
N SER C 92 -25.22 -8.70 18.29
CA SER C 92 -23.89 -9.20 17.97
C SER C 92 -23.92 -9.80 16.57
N HIS C 93 -22.86 -9.53 15.80
CA HIS C 93 -22.74 -9.92 14.40
C HIS C 93 -21.33 -10.39 14.10
N THR C 94 -21.23 -11.35 13.17
CA THR C 94 -19.99 -12.05 12.89
C THR C 94 -19.61 -11.91 11.42
N VAL C 95 -18.42 -11.38 11.16
CA VAL C 95 -17.79 -11.51 9.83
C VAL C 95 -16.71 -12.58 9.90
N GLN C 96 -16.78 -13.52 8.96
CA GLN C 96 -15.78 -14.56 8.80
C GLN C 96 -15.10 -14.42 7.44
N ARG C 97 -13.82 -14.76 7.40
CA ARG C 97 -13.03 -14.66 6.19
C ARG C 97 -12.09 -15.85 6.12
N MET C 98 -11.96 -16.42 4.94
CA MET C 98 -10.96 -17.45 4.65
C MET C 98 -10.28 -17.11 3.33
N TYR C 99 -8.96 -17.24 3.28
CA TYR C 99 -8.22 -17.23 2.02
C TYR C 99 -7.03 -18.18 2.11
N GLY C 100 -6.48 -18.52 0.95
CA GLY C 100 -5.32 -19.41 0.88
C GLY C 100 -5.18 -20.06 -0.48
N CYS C 101 -4.15 -20.91 -0.58
CA CYS C 101 -3.78 -21.57 -1.84
C CYS C 101 -3.57 -23.06 -1.66
N ASP C 102 -3.98 -23.84 -2.67
CA ASP C 102 -3.59 -25.23 -2.82
C ASP C 102 -2.45 -25.37 -3.83
N VAL C 103 -1.57 -26.35 -3.60
CA VAL C 103 -0.61 -26.80 -4.60
C VAL C 103 -0.79 -28.30 -4.79
N GLY C 104 -0.28 -28.78 -5.93
CA GLY C 104 -0.32 -30.19 -6.26
C GLY C 104 0.90 -30.96 -5.78
N SER C 105 1.06 -32.17 -6.33
CA SER C 105 2.22 -32.99 -5.99
C SER C 105 3.53 -32.34 -6.41
N ASP C 106 3.51 -31.57 -7.51
CA ASP C 106 4.68 -30.82 -7.97
C ASP C 106 4.91 -29.53 -7.20
N TRP C 107 4.03 -29.20 -6.25
CA TRP C 107 4.10 -27.97 -5.46
C TRP C 107 3.88 -26.73 -6.31
N ARG C 108 3.08 -26.87 -7.36
CA ARG C 108 2.73 -25.76 -8.23
C ARG C 108 1.29 -25.34 -7.94
N PHE C 109 1.00 -24.05 -8.17
CA PHE C 109 -0.30 -23.49 -7.82
C PHE C 109 -1.43 -24.30 -8.43
N LEU C 110 -2.34 -24.78 -7.58
CA LEU C 110 -3.52 -25.52 -8.04
C LEU C 110 -4.79 -24.67 -7.96
N ARG C 111 -5.11 -24.13 -6.79
CA ARG C 111 -6.25 -23.21 -6.72
C ARG C 111 -6.02 -22.19 -5.61
N GLY C 112 -6.75 -21.07 -5.71
CA GLY C 112 -6.79 -20.06 -4.68
C GLY C 112 -8.21 -19.84 -4.19
N TYR C 113 -8.38 -19.31 -2.97
CA TYR C 113 -9.69 -19.00 -2.42
C TYR C 113 -9.61 -17.69 -1.65
N HIS C 114 -10.73 -16.97 -1.60
CA HIS C 114 -10.79 -15.71 -0.84
C HIS C 114 -12.26 -15.36 -0.72
N GLN C 115 -12.85 -15.61 0.46
CA GLN C 115 -14.28 -15.50 0.62
C GLN C 115 -14.63 -14.97 2.02
N TYR C 116 -15.75 -14.25 2.07
CA TYR C 116 -16.30 -13.67 3.29
C TYR C 116 -17.68 -14.27 3.55
N ALA C 117 -18.02 -14.40 4.85
CA ALA C 117 -19.38 -14.66 5.31
C ALA C 117 -19.80 -13.61 6.33
N TYR C 118 -21.08 -13.26 6.32
CA TYR C 118 -21.65 -12.39 7.34
C TYR C 118 -22.81 -13.12 8.02
N ASP C 119 -22.75 -13.22 9.35
CA ASP C 119 -23.80 -13.89 10.14
C ASP C 119 -24.10 -15.28 9.60
N GLY C 120 -23.04 -16.01 9.26
CA GLY C 120 -23.17 -17.38 8.85
C GLY C 120 -23.40 -17.61 7.36
N LYS C 121 -23.88 -16.62 6.62
CA LYS C 121 -24.17 -16.79 5.19
C LYS C 121 -23.09 -16.16 4.34
N ASP C 122 -22.89 -16.74 3.15
CA ASP C 122 -21.95 -16.19 2.18
C ASP C 122 -22.25 -14.73 1.90
N TYR C 123 -21.20 -13.92 1.82
CA TYR C 123 -21.31 -12.52 1.47
C TYR C 123 -20.69 -12.24 0.11
N ILE C 124 -19.39 -12.45 -0.06
CA ILE C 124 -18.72 -12.26 -1.35
C ILE C 124 -17.57 -13.26 -1.46
N ALA C 125 -17.30 -13.71 -2.68
CA ALA C 125 -16.22 -14.68 -2.88
C ALA C 125 -15.51 -14.45 -4.22
N LEU C 126 -14.20 -14.65 -4.21
CA LEU C 126 -13.43 -14.65 -5.44
C LEU C 126 -13.76 -15.91 -6.24
N LYS C 127 -14.10 -15.74 -7.53
CA LYS C 127 -14.41 -16.92 -8.33
C LYS C 127 -13.14 -17.72 -8.60
N GLU C 128 -13.33 -18.98 -8.98
CA GLU C 128 -12.20 -19.87 -9.27
C GLU C 128 -11.19 -19.23 -10.22
N ASP C 129 -11.67 -18.46 -11.20
CA ASP C 129 -10.76 -17.84 -12.18
C ASP C 129 -9.94 -16.70 -11.59
N LEU C 130 -10.18 -16.32 -10.34
CA LEU C 130 -9.43 -15.28 -9.64
C LEU C 130 -9.55 -13.92 -10.31
N ARG C 131 -10.62 -13.69 -11.08
CA ARG C 131 -10.81 -12.42 -11.77
C ARG C 131 -12.21 -11.87 -11.60
N SER C 132 -13.11 -12.59 -10.94
CA SER C 132 -14.45 -12.08 -10.74
C SER C 132 -15.00 -12.50 -9.38
N TRP C 133 -16.08 -11.83 -8.97
CA TRP C 133 -16.66 -11.97 -7.65
C TRP C 133 -18.07 -12.52 -7.77
N THR C 134 -18.42 -13.44 -6.85
CA THR C 134 -19.81 -13.82 -6.60
C THR C 134 -20.29 -13.02 -5.40
N ALA C 135 -21.27 -12.15 -5.62
CA ALA C 135 -21.87 -11.38 -4.54
C ALA C 135 -23.23 -11.97 -4.23
N ALA C 136 -23.48 -12.27 -2.95
CA ALA C 136 -24.66 -13.02 -2.61
C ALA C 136 -25.92 -12.17 -2.69
N ASP C 137 -25.88 -10.92 -2.23
CA ASP C 137 -27.07 -10.09 -2.14
C ASP C 137 -26.76 -8.67 -2.60
N MET C 138 -27.78 -7.82 -2.57
CA MET C 138 -27.62 -6.44 -3.04
C MET C 138 -26.63 -5.64 -2.20
N ALA C 139 -26.48 -5.98 -0.92
CA ALA C 139 -25.48 -5.28 -0.11
C ALA C 139 -24.07 -5.70 -0.50
N ALA C 140 -23.88 -6.99 -0.81
CA ALA C 140 -22.59 -7.48 -1.22
C ALA C 140 -22.18 -6.96 -2.59
N GLN C 141 -23.15 -6.54 -3.41
CA GLN C 141 -22.82 -5.88 -4.67
C GLN C 141 -22.08 -4.57 -4.41
N THR C 142 -22.50 -3.83 -3.39
CA THR C 142 -21.80 -2.60 -3.06
C THR C 142 -20.32 -2.86 -2.83
N THR C 143 -19.98 -3.98 -2.21
CA THR C 143 -18.57 -4.35 -2.03
C THR C 143 -17.95 -4.79 -3.35
N LYS C 144 -18.67 -5.60 -4.13
CA LYS C 144 -18.19 -6.05 -5.43
C LYS C 144 -17.81 -4.86 -6.32
N HIS C 145 -18.67 -3.83 -6.36
CA HIS C 145 -18.40 -2.67 -7.21
C HIS C 145 -17.21 -1.87 -6.70
N LYS C 146 -17.08 -1.72 -5.37
CA LYS C 146 -15.90 -1.08 -4.82
C LYS C 146 -14.64 -1.82 -5.22
N TRP C 147 -14.70 -3.14 -5.23
CA TRP C 147 -13.49 -3.92 -5.43
C TRP C 147 -13.15 -4.08 -6.90
N GLU C 148 -14.15 -4.04 -7.78
CA GLU C 148 -13.87 -4.02 -9.21
C GLU C 148 -13.25 -2.70 -9.61
N ALA C 149 -13.80 -1.59 -9.11
CA ALA C 149 -13.27 -0.27 -9.40
C ALA C 149 -11.80 -0.14 -8.94
N ALA C 150 -11.43 -0.78 -7.84
CA ALA C 150 -10.09 -0.68 -7.30
C ALA C 150 -9.18 -1.86 -7.68
N HIS C 151 -9.63 -2.75 -8.57
CA HIS C 151 -8.81 -3.84 -9.09
C HIS C 151 -8.18 -4.63 -7.97
N VAL C 152 -9.02 -4.99 -7.03
CA VAL C 152 -8.61 -5.79 -5.86
C VAL C 152 -8.28 -7.20 -6.31
N ALA C 153 -9.02 -7.75 -7.26
CA ALA C 153 -8.79 -9.14 -7.69
C ALA C 153 -7.38 -9.39 -8.18
N GLU C 154 -6.84 -8.50 -9.01
CA GLU C 154 -5.48 -8.66 -9.60
C GLU C 154 -4.44 -8.68 -8.49
N GLN C 155 -4.58 -7.83 -7.49
CA GLN C 155 -3.63 -7.81 -6.36
C GLN C 155 -3.79 -9.11 -5.58
N LEU C 156 -5.00 -9.52 -5.35
CA LEU C 156 -5.29 -10.79 -4.64
C LEU C 156 -4.65 -11.93 -5.40
N ARG C 157 -4.85 -11.98 -6.70
CA ARG C 157 -4.29 -13.07 -7.51
C ARG C 157 -2.77 -13.14 -7.39
N ALA C 158 -2.09 -12.00 -7.31
CA ALA C 158 -0.63 -12.03 -7.19
C ALA C 158 -0.22 -12.66 -5.87
N TYR C 159 -0.92 -12.29 -4.79
CA TYR C 159 -0.65 -12.91 -3.50
C TYR C 159 -0.89 -14.42 -3.53
N LEU C 160 -2.02 -14.84 -4.12
CA LEU C 160 -2.42 -16.25 -4.05
C LEU C 160 -1.62 -17.14 -4.99
N GLU C 161 -1.21 -16.61 -6.16
CA GLU C 161 -0.42 -17.37 -7.13
C GLU C 161 1.08 -17.31 -6.81
N GLY C 162 1.57 -16.22 -6.22
CA GLY C 162 2.99 -16.11 -5.97
C GLY C 162 3.36 -16.28 -4.52
N THR C 163 3.19 -15.19 -3.75
CA THR C 163 3.57 -15.18 -2.34
C THR C 163 3.05 -16.42 -1.60
N CYS C 164 1.77 -16.75 -1.80
CA CYS C 164 1.16 -17.83 -1.04
C CYS C 164 1.80 -19.18 -1.36
N VAL C 165 1.78 -19.53 -2.65
CA VAL C 165 2.54 -20.70 -3.12
C VAL C 165 3.95 -20.69 -2.55
N GLU C 166 4.65 -19.57 -2.70
CA GLU C 166 6.02 -19.47 -2.22
C GLU C 166 6.15 -19.84 -0.75
N TRP C 167 5.32 -19.26 0.10
CA TRP C 167 5.52 -19.48 1.53
C TRP C 167 4.99 -20.83 1.99
N LEU C 168 3.90 -21.32 1.38
CA LEU C 168 3.50 -22.70 1.62
C LEU C 168 4.68 -23.64 1.37
N ARG C 169 5.38 -23.44 0.24
CA ARG C 169 6.50 -24.29 -0.10
C ARG C 169 7.54 -24.26 1.00
N ARG C 170 7.80 -23.09 1.52
CA ARG C 170 8.81 -22.93 2.59
C ARG C 170 8.38 -23.70 3.82
N TYR C 171 7.11 -23.64 4.16
CA TYR C 171 6.60 -24.31 5.36
C TYR C 171 6.68 -25.82 5.20
N LEU C 172 6.22 -26.32 4.06
CA LEU C 172 6.24 -27.75 3.78
C LEU C 172 7.66 -28.28 3.85
N GLU C 173 8.67 -27.46 3.60
CA GLU C 173 10.07 -27.95 3.64
C GLU C 173 10.57 -27.82 5.07
N ASN C 174 10.11 -26.82 5.80
CA ASN C 174 10.61 -26.71 7.18
C ASN C 174 9.88 -27.69 8.09
N GLY C 175 8.66 -28.07 7.74
CA GLY C 175 7.90 -29.00 8.57
C GLY C 175 7.87 -30.37 7.96
N LYS C 176 8.90 -30.67 7.18
CA LYS C 176 9.08 -31.93 6.47
C LYS C 176 8.69 -33.14 7.32
N GLU C 177 9.30 -33.31 8.48
CA GLU C 177 8.98 -34.51 9.24
C GLU C 177 7.53 -34.52 9.71
N THR C 178 7.02 -33.36 10.16
CA THR C 178 5.62 -33.26 10.59
C THR C 178 4.66 -33.29 9.38
N LEU C 179 4.83 -32.35 8.45
CA LEU C 179 3.79 -32.05 7.46
C LEU C 179 3.71 -33.08 6.34
N GLN C 180 4.85 -33.60 5.88
CA GLN C 180 4.85 -34.53 4.77
C GLN C 180 4.79 -35.98 5.21
N ARG C 181 4.42 -36.23 6.47
CA ARG C 181 4.23 -37.59 6.92
C ARG C 181 2.89 -38.11 6.42
N THR C 182 2.73 -39.43 6.53
CA THR C 182 1.44 -40.07 6.42
C THR C 182 1.37 -41.12 7.51
N ASP C 183 0.31 -41.05 8.33
CA ASP C 183 0.06 -42.02 9.39
C ASP C 183 -1.08 -42.91 8.92
N ALA C 184 -0.77 -44.18 8.66
CA ALA C 184 -1.81 -45.15 8.34
C ALA C 184 -2.73 -45.33 9.54
N PRO C 185 -4.02 -45.58 9.29
CA PRO C 185 -4.95 -45.79 10.41
C PRO C 185 -4.72 -47.13 11.10
N LYS C 186 -4.71 -47.11 12.43
CA LYS C 186 -4.77 -48.31 13.26
C LYS C 186 -6.22 -48.79 13.28
N THR C 187 -6.52 -49.82 12.51
CA THR C 187 -7.88 -50.35 12.42
C THR C 187 -8.14 -51.37 13.53
N HIS C 188 -9.41 -51.51 13.89
CA HIS C 188 -9.89 -52.64 14.67
C HIS C 188 -11.41 -52.61 14.62
N MET C 189 -12.02 -53.59 15.28
CA MET C 189 -13.46 -53.73 15.32
C MET C 189 -13.88 -54.06 16.73
N THR C 190 -15.10 -53.65 17.09
CA THR C 190 -15.71 -54.04 18.35
C THR C 190 -17.07 -54.65 18.07
N HIS C 191 -17.48 -55.55 18.96
CA HIS C 191 -18.73 -56.27 18.82
C HIS C 191 -19.52 -56.14 20.12
N HIS C 192 -20.77 -55.67 20.00
CA HIS C 192 -21.71 -55.64 21.10
C HIS C 192 -23.06 -56.14 20.59
N ALA C 193 -23.96 -56.41 21.53
CA ALA C 193 -25.32 -56.83 21.19
C ALA C 193 -26.30 -56.00 22.01
N VAL C 194 -27.13 -55.19 21.33
CA VAL C 194 -28.18 -54.45 22.03
C VAL C 194 -29.29 -55.40 22.47
N SER C 195 -29.44 -56.52 21.78
CA SER C 195 -30.50 -57.48 22.04
C SER C 195 -30.02 -58.84 21.55
N ASP C 196 -30.93 -59.81 21.47
CA ASP C 196 -30.59 -61.08 20.84
C ASP C 196 -30.79 -61.00 19.33
N HIS C 197 -31.84 -60.31 18.88
CA HIS C 197 -32.17 -60.30 17.46
C HIS C 197 -31.19 -59.46 16.66
N GLU C 198 -30.91 -58.24 17.11
CA GLU C 198 -29.99 -57.33 16.42
C GLU C 198 -28.81 -57.01 17.33
N ALA C 199 -27.61 -57.22 16.81
CA ALA C 199 -26.36 -56.87 17.49
C ALA C 199 -25.62 -55.80 16.70
N THR C 200 -24.79 -55.02 17.38
CA THR C 200 -24.11 -53.87 16.81
C THR C 200 -22.61 -54.14 16.68
N LEU C 201 -22.03 -53.74 15.55
CA LEU C 201 -20.59 -53.80 15.34
C LEU C 201 -20.07 -52.43 14.92
N ARG C 202 -18.83 -52.13 15.31
CA ARG C 202 -18.26 -50.79 15.16
C ARG C 202 -16.88 -50.90 14.54
N CYS C 203 -16.72 -50.32 13.35
CA CYS C 203 -15.43 -50.23 12.69
C CYS C 203 -14.68 -49.02 13.23
N TRP C 204 -13.40 -49.18 13.54
CA TRP C 204 -12.62 -48.15 14.23
C TRP C 204 -11.38 -47.78 13.43
N ALA C 205 -11.18 -46.48 13.19
CA ALA C 205 -9.98 -45.95 12.53
C ALA C 205 -9.35 -44.90 13.42
N LEU C 206 -8.12 -45.15 13.88
CA LEU C 206 -7.48 -44.29 14.86
C LEU C 206 -6.11 -43.82 14.37
N SER C 207 -5.65 -42.74 14.98
CA SER C 207 -4.26 -42.26 14.87
C SER C 207 -3.82 -42.01 13.43
N PHE C 208 -4.72 -41.58 12.55
CA PHE C 208 -4.32 -41.38 11.17
C PHE C 208 -4.14 -39.90 10.84
N TYR C 209 -3.36 -39.64 9.79
CA TYR C 209 -3.04 -38.32 9.24
C TYR C 209 -2.66 -38.53 7.79
N PRO C 210 -3.16 -37.73 6.83
CA PRO C 210 -4.06 -36.57 6.96
C PRO C 210 -5.47 -36.98 7.32
N ALA C 211 -6.36 -36.01 7.52
CA ALA C 211 -7.66 -36.28 8.12
C ALA C 211 -8.65 -36.96 7.18
N GLU C 212 -8.32 -36.91 5.90
CA GLU C 212 -9.19 -37.47 4.86
C GLU C 212 -9.23 -38.99 4.97
N ILE C 213 -10.43 -39.53 4.93
CA ILE C 213 -10.66 -40.99 5.05
C ILE C 213 -12.08 -41.29 4.61
N THR C 214 -12.36 -42.57 4.34
CA THR C 214 -13.69 -43.04 3.95
C THR C 214 -13.93 -44.40 4.59
N LEU C 215 -15.04 -44.56 5.32
CA LEU C 215 -15.46 -45.82 5.91
C LEU C 215 -16.82 -46.19 5.32
N THR C 216 -16.85 -47.28 4.55
CA THR C 216 -18.06 -47.78 3.93
C THR C 216 -18.32 -49.21 4.38
N TRP C 217 -19.59 -49.61 4.29
CA TRP C 217 -20.04 -50.93 4.68
C TRP C 217 -20.55 -51.70 3.46
N GLN C 218 -20.26 -53.00 3.42
CA GLN C 218 -20.58 -53.85 2.28
C GLN C 218 -21.29 -55.11 2.76
N ARG C 219 -22.40 -55.46 2.11
CA ARG C 219 -23.13 -56.72 2.32
C ARG C 219 -22.93 -57.55 1.05
N ASP C 220 -21.83 -58.29 1.00
CA ASP C 220 -21.36 -58.98 -0.20
C ASP C 220 -21.05 -58.01 -1.34
N GLY C 221 -20.91 -56.71 -1.04
CA GLY C 221 -20.47 -55.77 -2.07
C GLY C 221 -21.29 -54.49 -2.21
N GLU C 222 -22.56 -54.52 -1.80
CA GLU C 222 -23.41 -53.35 -1.89
C GLU C 222 -22.96 -52.28 -0.89
N ASP C 223 -23.65 -51.15 -0.88
CA ASP C 223 -23.37 -50.06 0.05
C ASP C 223 -24.57 -49.90 0.98
N GLN C 224 -24.35 -50.11 2.29
CA GLN C 224 -25.41 -50.00 3.28
C GLN C 224 -25.35 -48.64 3.95
N THR C 225 -25.87 -47.63 3.25
CA THR C 225 -26.12 -46.33 3.84
C THR C 225 -27.52 -46.25 4.45
N GLN C 226 -28.12 -47.39 4.75
CA GLN C 226 -29.32 -47.47 5.57
C GLN C 226 -28.93 -48.15 6.88
N ASP C 227 -29.50 -47.64 7.99
CA ASP C 227 -29.10 -48.05 9.35
C ASP C 227 -27.60 -47.82 9.58
N THR C 228 -27.06 -46.76 8.98
CA THR C 228 -25.64 -46.46 9.10
C THR C 228 -25.42 -45.31 10.08
N GLU C 229 -24.30 -45.34 10.76
CA GLU C 229 -23.93 -44.29 11.71
C GLU C 229 -22.45 -43.95 11.53
N LEU C 230 -22.20 -42.84 10.84
CA LEU C 230 -20.86 -42.31 10.61
C LEU C 230 -20.70 -41.03 11.43
N VAL C 231 -19.68 -40.99 12.29
CA VAL C 231 -19.37 -39.78 13.05
C VAL C 231 -18.40 -38.93 12.22
N GLU C 232 -18.50 -37.61 12.38
CA GLU C 232 -17.52 -36.74 11.76
C GLU C 232 -16.13 -37.14 12.22
N THR C 233 -15.15 -37.06 11.30
CA THR C 233 -13.77 -37.24 11.70
C THR C 233 -13.44 -36.26 12.82
N ARG C 234 -12.63 -36.70 13.79
CA ARG C 234 -12.39 -35.91 14.98
C ARG C 234 -10.92 -35.89 15.33
N PRO C 235 -10.43 -34.80 15.93
CA PRO C 235 -9.01 -34.73 16.30
C PRO C 235 -8.75 -35.46 17.60
N ALA C 236 -7.66 -36.23 17.62
CA ALA C 236 -7.24 -36.94 18.82
C ALA C 236 -6.58 -36.03 19.83
N GLY C 237 -6.03 -34.89 19.38
CA GLY C 237 -5.30 -33.99 20.23
C GLY C 237 -3.79 -34.09 20.11
N ASP C 238 -3.27 -35.07 19.36
CA ASP C 238 -1.84 -35.22 19.20
C ASP C 238 -1.42 -35.07 17.74
N GLY C 239 -2.27 -34.44 16.92
CA GLY C 239 -2.01 -34.27 15.51
C GLY C 239 -2.65 -35.32 14.62
N THR C 240 -3.16 -36.39 15.20
CA THR C 240 -3.83 -37.42 14.43
C THR C 240 -5.35 -37.30 14.57
N PHE C 241 -6.07 -38.14 13.82
CA PHE C 241 -7.51 -38.09 13.77
C PHE C 241 -8.12 -39.46 14.02
N GLN C 242 -9.42 -39.46 14.35
CA GLN C 242 -10.20 -40.66 14.57
C GLN C 242 -11.49 -40.58 13.77
N LYS C 243 -12.13 -41.74 13.60
CA LYS C 243 -13.43 -41.91 12.95
C LYS C 243 -13.88 -43.35 13.17
N TRP C 244 -15.20 -43.55 13.26
CA TRP C 244 -15.73 -44.89 13.36
C TRP C 244 -17.09 -44.97 12.68
N ALA C 245 -17.43 -46.19 12.23
CA ALA C 245 -18.67 -46.47 11.53
C ALA C 245 -19.26 -47.77 12.05
N ALA C 246 -20.59 -47.77 12.24
CA ALA C 246 -21.28 -48.90 12.85
C ALA C 246 -22.66 -49.04 12.23
N VAL C 247 -23.07 -50.28 12.00
CA VAL C 247 -24.40 -50.61 11.49
C VAL C 247 -24.91 -51.83 12.25
N VAL C 248 -26.23 -51.89 12.45
CA VAL C 248 -26.88 -52.97 13.20
C VAL C 248 -27.67 -53.84 12.23
N VAL C 249 -27.41 -55.15 12.25
CA VAL C 249 -28.04 -56.12 11.35
C VAL C 249 -28.23 -57.41 12.14
N PRO C 250 -28.94 -58.44 11.63
CA PRO C 250 -29.34 -59.56 12.49
C PRO C 250 -28.16 -60.34 13.06
N SER C 251 -28.18 -60.56 14.36
CA SER C 251 -27.08 -61.23 15.10
C SER C 251 -26.78 -62.62 14.55
N GLY C 252 -25.50 -63.01 14.59
CA GLY C 252 -25.10 -64.34 14.11
C GLY C 252 -24.66 -64.35 12.65
N GLN C 253 -25.19 -63.42 11.85
CA GLN C 253 -24.87 -63.36 10.40
C GLN C 253 -24.21 -62.01 10.09
N GLU C 254 -22.93 -61.81 10.45
CA GLU C 254 -22.37 -60.49 10.25
C GLU C 254 -21.15 -60.49 9.35
N GLN C 255 -20.78 -61.67 8.83
CA GLN C 255 -19.69 -61.78 7.87
C GLN C 255 -20.16 -61.65 6.42
N ARG C 256 -21.47 -61.66 6.18
CA ARG C 256 -21.98 -61.11 4.92
C ARG C 256 -21.72 -59.63 4.82
N TYR C 257 -21.36 -59.00 5.94
CA TYR C 257 -21.00 -57.58 6.04
C TYR C 257 -19.50 -57.43 6.26
N THR C 258 -18.93 -56.38 5.69
CA THR C 258 -17.50 -56.13 5.79
C THR C 258 -17.22 -54.63 5.65
N CYS C 259 -16.23 -54.15 6.40
CA CYS C 259 -15.91 -52.73 6.48
C CYS C 259 -14.63 -52.43 5.71
N HIS C 260 -14.67 -51.43 4.83
CA HIS C 260 -13.56 -51.08 3.94
C HIS C 260 -13.06 -49.69 4.29
N VAL C 261 -11.82 -49.61 4.76
CA VAL C 261 -11.15 -48.35 5.09
C VAL C 261 -10.31 -47.95 3.90
N GLN C 262 -10.39 -46.69 3.49
CA GLN C 262 -9.56 -46.18 2.42
C GLN C 262 -8.97 -44.84 2.82
N HIS C 263 -7.65 -44.78 2.86
CA HIS C 263 -6.86 -43.61 3.30
C HIS C 263 -5.58 -43.59 2.47
N GLU C 264 -4.91 -42.44 2.40
CA GLU C 264 -3.68 -42.32 1.60
C GLU C 264 -2.57 -43.21 2.15
N GLY C 265 -2.43 -43.30 3.47
CA GLY C 265 -1.31 -44.05 4.06
C GLY C 265 -1.48 -45.55 3.95
N LEU C 266 -2.65 -46.02 3.54
CA LEU C 266 -2.86 -47.46 3.45
C LEU C 266 -2.68 -47.91 2.01
N PRO C 267 -1.59 -48.61 1.69
CA PRO C 267 -1.25 -48.87 0.26
C PRO C 267 -2.39 -49.48 -0.54
N LYS C 268 -3.05 -50.51 -0.02
CA LYS C 268 -4.23 -51.06 -0.68
C LYS C 268 -5.42 -51.05 0.27
N PRO C 269 -6.64 -50.76 -0.26
CA PRO C 269 -7.82 -50.60 0.61
C PRO C 269 -8.09 -51.73 1.58
N LEU C 270 -7.49 -51.64 2.77
CA LEU C 270 -7.69 -52.62 3.84
C LEU C 270 -9.16 -52.94 4.03
N THR C 271 -9.47 -54.24 4.10
CA THR C 271 -10.81 -54.72 4.38
C THR C 271 -10.77 -55.63 5.61
N LEU C 272 -11.87 -55.60 6.35
CA LEU C 272 -11.92 -56.17 7.68
C LEU C 272 -13.11 -57.12 7.80
N MET D 1 -29.98 -14.07 9.96
CA MET D 1 -28.98 -14.62 10.87
C MET D 1 -29.18 -16.10 11.12
N ILE D 2 -28.31 -16.93 10.55
CA ILE D 2 -28.46 -18.37 10.70
C ILE D 2 -27.94 -18.79 12.07
N GLN D 3 -28.62 -19.76 12.67
CA GLN D 3 -28.15 -20.42 13.88
C GLN D 3 -28.03 -21.90 13.60
N ARG D 4 -27.06 -22.52 14.26
CA ARG D 4 -26.71 -23.91 14.05
C ARG D 4 -26.36 -24.52 15.40
N THR D 5 -27.05 -25.58 15.78
CA THR D 5 -26.85 -26.26 17.05
C THR D 5 -25.59 -27.11 16.99
N PRO D 6 -24.77 -27.17 18.03
CA PRO D 6 -23.51 -27.93 17.93
C PRO D 6 -23.71 -29.45 17.88
N LYS D 7 -22.84 -30.10 17.12
CA LYS D 7 -22.58 -31.51 17.32
C LYS D 7 -21.52 -31.66 18.41
N ILE D 8 -21.61 -32.75 19.19
CA ILE D 8 -20.75 -32.94 20.36
C ILE D 8 -20.26 -34.37 20.42
N GLN D 9 -18.94 -34.55 20.59
CA GLN D 9 -18.34 -35.88 20.76
C GLN D 9 -17.42 -35.86 21.97
N VAL D 10 -17.68 -36.76 22.93
CA VAL D 10 -16.81 -36.98 24.07
C VAL D 10 -16.06 -38.27 23.82
N TYR D 11 -14.76 -38.29 24.15
CA TYR D 11 -13.89 -39.41 23.77
C TYR D 11 -12.49 -39.15 24.31
N SER D 12 -11.68 -40.19 24.27
CA SER D 12 -10.32 -40.18 24.80
C SER D 12 -9.31 -40.20 23.67
N ARG D 13 -8.15 -39.61 23.93
CA ARG D 13 -7.10 -39.57 22.90
C ARG D 13 -6.60 -40.96 22.57
N HIS D 14 -6.43 -41.81 23.59
CA HIS D 14 -5.94 -43.16 23.45
C HIS D 14 -7.02 -44.14 23.88
N PRO D 15 -6.93 -45.40 23.48
CA PRO D 15 -7.86 -46.40 24.01
C PRO D 15 -7.89 -46.36 25.53
N ALA D 16 -9.10 -46.29 26.06
CA ALA D 16 -9.27 -46.16 27.51
C ALA D 16 -8.75 -47.41 28.21
N GLU D 17 -7.81 -47.23 29.12
CA GLU D 17 -7.22 -48.32 29.89
C GLU D 17 -7.18 -47.89 31.35
N ASN D 18 -8.04 -48.50 32.17
CA ASN D 18 -8.15 -48.12 33.58
C ASN D 18 -6.79 -48.08 34.24
N GLY D 19 -6.53 -47.01 34.98
CA GLY D 19 -5.21 -46.80 35.55
C GLY D 19 -4.28 -45.92 34.75
N LYS D 20 -4.20 -46.08 33.43
CA LYS D 20 -3.19 -45.38 32.64
C LYS D 20 -3.69 -44.00 32.20
N SER D 21 -2.88 -42.98 32.46
CA SER D 21 -3.22 -41.62 32.08
C SER D 21 -3.45 -41.49 30.58
N ASN D 22 -4.25 -40.50 30.22
CA ASN D 22 -4.82 -40.32 28.88
C ASN D 22 -5.22 -38.83 28.77
N PHE D 23 -6.04 -38.52 27.76
CA PHE D 23 -6.64 -37.19 27.64
C PHE D 23 -8.11 -37.35 27.28
N LEU D 24 -8.97 -36.62 27.97
CA LEU D 24 -10.41 -36.62 27.69
C LEU D 24 -10.72 -35.46 26.78
N ASN D 25 -11.42 -35.75 25.67
CA ASN D 25 -11.70 -34.76 24.64
C ASN D 25 -13.19 -34.46 24.57
N CYS D 26 -13.49 -33.19 24.29
CA CYS D 26 -14.84 -32.75 23.93
C CYS D 26 -14.72 -31.92 22.65
N TYR D 27 -15.29 -32.45 21.57
CA TYR D 27 -15.22 -31.87 20.25
C TYR D 27 -16.60 -31.32 19.91
N VAL D 28 -16.72 -30.00 19.86
CA VAL D 28 -17.97 -29.35 19.50
C VAL D 28 -17.80 -28.67 18.16
N SER D 29 -18.78 -28.86 17.28
CA SER D 29 -18.59 -28.51 15.88
C SER D 29 -19.95 -28.27 15.24
N GLY D 30 -19.92 -27.58 14.09
CA GLY D 30 -21.12 -27.29 13.34
C GLY D 30 -22.01 -26.21 13.91
N PHE D 31 -21.52 -25.36 14.81
CA PHE D 31 -22.38 -24.40 15.48
C PHE D 31 -22.14 -22.98 14.99
N HIS D 32 -23.16 -22.15 15.20
CA HIS D 32 -23.18 -20.76 14.85
C HIS D 32 -24.32 -20.10 15.63
N PRO D 33 -24.12 -18.91 16.23
CA PRO D 33 -22.92 -18.07 16.30
C PRO D 33 -21.84 -18.67 17.22
N SER D 34 -20.78 -17.94 17.53
CA SER D 34 -19.58 -18.56 18.09
C SER D 34 -19.54 -18.55 19.62
N ASP D 35 -20.33 -17.71 20.28
CA ASP D 35 -20.39 -17.78 21.73
C ASP D 35 -20.88 -19.14 22.14
N ILE D 36 -20.02 -19.90 22.81
CA ILE D 36 -20.32 -21.25 23.27
C ILE D 36 -19.69 -21.41 24.65
N GLU D 37 -20.23 -22.37 25.41
CA GLU D 37 -19.76 -22.69 26.75
C GLU D 37 -19.56 -24.18 26.82
N VAL D 38 -18.35 -24.59 27.20
CA VAL D 38 -17.96 -26.00 27.21
C VAL D 38 -17.20 -26.29 28.50
N ASP D 39 -17.70 -27.24 29.29
CA ASP D 39 -17.00 -27.69 30.48
C ASP D 39 -16.86 -29.20 30.44
N LEU D 40 -15.71 -29.68 30.90
CA LEU D 40 -15.52 -31.10 31.16
C LEU D 40 -15.87 -31.37 32.62
N LEU D 41 -16.66 -32.43 32.87
CA LEU D 41 -17.15 -32.73 34.21
C LEU D 41 -16.64 -34.08 34.68
N LYS D 42 -16.25 -34.13 35.96
CA LYS D 42 -15.87 -35.36 36.66
C LYS D 42 -16.89 -35.60 37.77
N ASN D 43 -17.71 -36.64 37.61
CA ASN D 43 -18.82 -36.92 38.53
C ASN D 43 -19.72 -35.69 38.67
N GLY D 44 -19.92 -34.98 37.56
CA GLY D 44 -20.77 -33.82 37.52
C GLY D 44 -20.16 -32.54 38.06
N GLU D 45 -18.88 -32.56 38.46
CA GLU D 45 -18.20 -31.34 38.88
C GLU D 45 -17.19 -30.94 37.82
N ARG D 46 -17.16 -29.66 37.48
CA ARG D 46 -16.37 -29.26 36.33
C ARG D 46 -14.87 -29.28 36.66
N ILE D 47 -14.10 -29.81 35.72
CA ILE D 47 -12.65 -29.88 35.82
C ILE D 47 -12.07 -28.51 35.48
N GLU D 48 -11.15 -28.04 36.32
CA GLU D 48 -10.65 -26.69 36.12
C GLU D 48 -9.53 -26.64 35.09
N LYS D 49 -8.58 -27.57 35.16
CA LYS D 49 -7.44 -27.55 34.26
C LYS D 49 -7.86 -28.18 32.94
N VAL D 50 -8.71 -27.46 32.22
CA VAL D 50 -9.10 -27.77 30.85
C VAL D 50 -8.45 -26.73 29.95
N GLU D 51 -8.09 -27.14 28.75
CA GLU D 51 -7.72 -26.17 27.72
C GLU D 51 -8.43 -26.49 26.42
N HIS D 52 -8.42 -25.52 25.52
CA HIS D 52 -9.16 -25.60 24.27
C HIS D 52 -8.28 -25.12 23.11
N SER D 53 -8.63 -25.60 21.93
CA SER D 53 -8.00 -25.19 20.71
C SER D 53 -8.52 -23.80 20.30
N ASP D 54 -7.91 -23.25 19.24
CA ASP D 54 -8.29 -21.92 18.74
C ASP D 54 -9.52 -22.02 17.84
N LEU D 55 -10.41 -21.04 17.99
CA LEU D 55 -11.66 -21.05 17.23
C LEU D 55 -11.39 -21.04 15.73
N SER D 56 -11.98 -22.01 15.02
CA SER D 56 -11.89 -22.04 13.56
C SER D 56 -13.25 -22.45 13.01
N PHE D 57 -13.32 -22.62 11.68
CA PHE D 57 -14.59 -22.98 11.08
C PHE D 57 -14.37 -23.80 9.81
N SER D 58 -15.46 -24.40 9.36
CA SER D 58 -15.44 -25.36 8.28
C SER D 58 -15.88 -24.69 7.00
N LYS D 59 -15.88 -25.47 5.90
CA LYS D 59 -16.33 -24.97 4.60
C LYS D 59 -17.69 -24.28 4.70
N ASP D 60 -18.61 -24.83 5.50
CA ASP D 60 -19.95 -24.24 5.54
C ASP D 60 -20.05 -23.04 6.49
N TRP D 61 -18.94 -22.62 7.09
CA TRP D 61 -18.76 -21.47 7.98
C TRP D 61 -19.11 -21.78 9.43
N SER D 62 -19.47 -23.03 9.76
CA SER D 62 -19.79 -23.35 11.14
C SER D 62 -18.52 -23.61 11.93
N PHE D 63 -18.56 -23.25 13.20
CA PHE D 63 -17.38 -23.25 14.04
C PHE D 63 -17.12 -24.62 14.66
N TYR D 64 -15.90 -24.79 15.15
CA TYR D 64 -15.52 -26.00 15.88
C TYR D 64 -14.42 -25.65 16.85
N LEU D 65 -14.42 -26.37 17.97
CA LEU D 65 -13.43 -26.20 19.02
C LEU D 65 -13.15 -27.59 19.55
N LEU D 66 -11.99 -27.75 20.19
CA LEU D 66 -11.68 -28.96 20.92
C LEU D 66 -11.30 -28.59 22.34
N TYR D 67 -12.02 -29.13 23.32
CA TYR D 67 -11.64 -29.00 24.71
C TYR D 67 -11.03 -30.32 25.17
N TYR D 68 -10.04 -30.26 26.06
CA TYR D 68 -9.33 -31.47 26.44
C TYR D 68 -8.66 -31.28 27.79
N THR D 69 -8.45 -32.41 28.47
CA THR D 69 -7.92 -32.38 29.82
C THR D 69 -7.19 -33.69 30.10
N GLU D 70 -6.14 -33.60 30.90
CA GLU D 70 -5.40 -34.79 31.27
C GLU D 70 -6.19 -35.53 32.32
N PHE D 71 -6.35 -36.83 32.14
CA PHE D 71 -7.15 -37.61 33.09
C PHE D 71 -6.70 -39.07 33.05
N THR D 72 -6.87 -39.74 34.19
CA THR D 72 -6.55 -41.15 34.33
C THR D 72 -7.86 -41.89 34.55
N PRO D 73 -8.38 -42.59 33.56
CA PRO D 73 -9.69 -43.23 33.72
C PRO D 73 -9.69 -44.27 34.85
N THR D 74 -10.85 -44.40 35.49
CA THR D 74 -11.10 -45.45 36.48
C THR D 74 -12.41 -46.13 36.11
N GLU D 75 -12.81 -47.13 36.91
CA GLU D 75 -14.08 -47.79 36.61
C GLU D 75 -15.27 -47.12 37.28
N LYS D 76 -15.08 -46.49 38.44
CA LYS D 76 -16.18 -45.83 39.12
C LYS D 76 -16.39 -44.40 38.64
N ASP D 77 -15.33 -43.73 38.19
CA ASP D 77 -15.43 -42.32 37.83
C ASP D 77 -16.22 -42.12 36.54
N GLU D 78 -17.12 -41.14 36.55
CA GLU D 78 -17.91 -40.77 35.39
C GLU D 78 -17.43 -39.42 34.86
N TYR D 79 -17.18 -39.36 33.54
CA TYR D 79 -16.75 -38.11 32.89
C TYR D 79 -17.80 -37.66 31.89
N ALA D 80 -17.99 -36.34 31.80
CA ALA D 80 -19.01 -35.80 30.92
C ALA D 80 -18.52 -34.53 30.20
N CYS D 81 -19.24 -34.14 29.15
CA CYS D 81 -19.11 -32.83 28.56
C CYS D 81 -20.43 -32.08 28.69
N ARG D 82 -20.36 -30.84 29.16
CA ARG D 82 -21.51 -29.94 29.29
C ARG D 82 -21.36 -28.80 28.29
N VAL D 83 -22.31 -28.67 27.37
CA VAL D 83 -22.27 -27.59 26.39
C VAL D 83 -23.52 -26.74 26.53
N ASN D 84 -23.34 -25.43 26.45
CA ASN D 84 -24.43 -24.49 26.38
C ASN D 84 -24.19 -23.54 25.21
N HIS D 85 -25.28 -23.17 24.55
CA HIS D 85 -25.25 -22.42 23.32
C HIS D 85 -26.65 -21.82 23.14
N VAL D 86 -26.71 -20.65 22.52
CA VAL D 86 -27.97 -19.95 22.34
C VAL D 86 -29.02 -20.82 21.67
N THR D 87 -28.62 -21.87 20.94
CA THR D 87 -29.62 -22.74 20.32
C THR D 87 -30.10 -23.86 21.24
N LEU D 88 -29.68 -23.90 22.49
CA LEU D 88 -30.08 -24.97 23.41
C LEU D 88 -31.04 -24.42 24.46
N SER D 89 -32.26 -24.96 24.52
CA SER D 89 -33.18 -24.64 25.62
C SER D 89 -32.54 -24.91 26.97
N GLN D 90 -31.79 -26.01 27.08
CA GLN D 90 -31.08 -26.37 28.29
C GLN D 90 -29.68 -26.76 27.92
N PRO D 91 -28.72 -26.60 28.82
CA PRO D 91 -27.39 -27.17 28.63
C PRO D 91 -27.43 -28.66 28.30
N LYS D 92 -26.72 -29.04 27.24
CA LYS D 92 -26.67 -30.43 26.81
C LYS D 92 -25.50 -31.11 27.49
N ILE D 93 -25.77 -32.25 28.13
CA ILE D 93 -24.75 -33.07 28.77
C ILE D 93 -24.61 -34.38 27.99
N VAL D 94 -23.38 -34.71 27.61
CA VAL D 94 -23.03 -35.91 26.85
C VAL D 94 -22.01 -36.68 27.69
N LYS D 95 -22.37 -37.88 28.20
CA LYS D 95 -21.40 -38.60 29.03
C LYS D 95 -20.40 -39.35 28.17
N TRP D 96 -19.24 -39.59 28.77
CA TRP D 96 -18.17 -40.31 28.11
C TRP D 96 -18.44 -41.81 28.16
N ASP D 97 -18.56 -42.42 27.01
CA ASP D 97 -18.56 -43.86 26.85
C ASP D 97 -17.25 -44.25 26.18
N ARG D 98 -16.45 -45.10 26.86
CA ARG D 98 -15.12 -45.43 26.38
C ARG D 98 -15.11 -46.31 25.14
N ASP D 99 -16.28 -46.78 24.68
CA ASP D 99 -16.40 -47.54 23.44
C ASP D 99 -17.05 -46.72 22.33
N MET D 100 -16.81 -45.40 22.34
CA MET D 100 -17.33 -44.49 21.32
C MET D 100 -16.44 -43.26 21.15
N TYR E 1 2.20 -16.94 5.98
CA TYR E 1 2.56 -15.57 5.65
C TYR E 1 1.33 -14.81 5.22
N LEU E 2 0.81 -13.97 6.11
CA LEU E 2 -0.40 -13.19 5.82
C LEU E 2 -0.23 -12.30 4.59
N GLN E 3 -1.35 -12.01 3.96
CA GLN E 3 -1.41 -11.06 2.87
C GLN E 3 -1.15 -9.65 3.39
N PRO E 4 -0.14 -8.93 2.87
CA PRO E 4 0.22 -7.63 3.49
C PRO E 4 -0.78 -6.51 3.20
N ARG E 5 -1.61 -6.62 2.19
CA ARG E 5 -2.63 -5.62 1.92
C ARG E 5 -3.97 -6.06 2.48
N THR E 6 -4.78 -5.09 2.91
CA THR E 6 -6.17 -5.37 3.30
C THR E 6 -7.11 -4.45 2.53
N PHE E 7 -8.33 -4.93 2.32
CA PHE E 7 -9.32 -4.27 1.50
C PHE E 7 -10.60 -4.07 2.32
N LEU E 8 -11.08 -2.84 2.37
CA LEU E 8 -12.31 -2.55 3.11
C LEU E 8 -13.52 -3.01 2.33
N LEU E 9 -14.46 -3.63 3.04
CA LEU E 9 -15.74 -4.08 2.49
C LEU E 9 -16.66 -2.92 2.09
#